data_6Z8H
#
_entry.id   6Z8H
#
_cell.length_a   73.717
_cell.length_b   68.341
_cell.length_c   156.903
_cell.angle_alpha   90.000
_cell.angle_beta   92.548
_cell.angle_gamma   90.000
#
_symmetry.space_group_name_H-M   'C 1 2 1'
#
loop_
_entity.id
_entity.type
_entity.pdbx_description
1 polymer 'Variant surface glycoprotein MITat 1.13'
2 branched alpha-D-mannopyranose-(1-6)-beta-D-mannopyranose
3 non-polymer 2-acetamido-2-deoxy-beta-D-glucopyranose
4 non-polymer 'SULFATE ION'
5 water water
#
_entity_poly.entity_id   1
_entity_poly.type   'polypeptide(L)'
_entity_poly.pdbx_seq_one_letter_code
;MQRLGTAVFFLLAFRYSTEQAVGLKEPNAPCTTACGCKSRLLKRLDLYTSKYADGINNERENSEAYSKLVTAALAAVPTM
QRKILPLLGAAADILDICRRELATARPLVQAAISKIEEAAGVYNTLHKLERGLGEAKIEFGGTDLRLTKTKFRATSLGTI
HTADCPNADPGETNVKIGLEHEENEPEPAKLITHGHLDATCASGVGQSSSCHTTAVEANTHLTLGLTFSGSSKDESATWN
AATNNKRAIHSNDADFLGSNATVAHEALKAIRSAGASTPCSSLITDFNAVRANPKFKLMVIKALLNKPTAEKESDAPADE
VNNAINSAYGREGSEYNTKTWKDIGSTRIPKADPPGEKTDTIDKLSSLPQWGDAIARLLLQEITKQEEQSIKTSSDEATN
KECDKHTAKTEGECTKLGCDYDAENKKCKPKSEKETTAAGKKDRAAGETGCAKHGTDKDKCENDKSCKWENNACKDSSIL
ATKKFALSMVSAAFVTLLF
;
_entity_poly.pdbx_strand_id   A,B
#
# COMPACT_ATOMS: atom_id res chain seq x y z
N ASN A 28 -19.12 18.78 -1.05
CA ASN A 28 -18.49 19.73 -1.95
C ASN A 28 -17.66 20.71 -1.14
N ALA A 29 -18.10 21.00 0.11
CA ALA A 29 -17.40 21.95 0.98
C ALA A 29 -16.15 21.30 1.57
N PRO A 30 -15.07 22.07 1.74
CA PRO A 30 -13.84 21.49 2.28
C PRO A 30 -14.02 21.00 3.71
N CYS A 31 -13.15 20.08 4.10
CA CYS A 31 -13.13 19.60 5.48
C CYS A 31 -12.60 20.71 6.39
N THR A 32 -12.95 20.60 7.67
CA THR A 32 -12.75 21.71 8.61
C THR A 32 -12.10 21.32 9.94
N THR A 33 -11.91 20.04 10.22
CA THR A 33 -11.26 19.59 11.44
C THR A 33 -10.23 18.54 11.03
N ALA A 34 -9.28 18.25 11.91
CA ALA A 34 -8.31 17.23 11.59
C ALA A 34 -8.98 15.87 11.49
N CYS A 35 -9.84 15.53 12.41
CA CYS A 35 -10.56 14.26 12.34
C CYS A 35 -11.38 14.13 11.04
N GLY A 36 -12.05 15.20 10.63
CA GLY A 36 -12.85 15.16 9.41
C GLY A 36 -11.98 15.10 8.17
N CYS A 37 -10.91 15.88 8.12
CA CYS A 37 -10.03 15.85 6.96
C CYS A 37 -9.41 14.47 6.80
N LYS A 38 -8.98 13.85 7.89
CA LYS A 38 -8.35 12.54 7.83
C LYS A 38 -9.38 11.51 7.39
N SER A 39 -10.57 11.53 8.00
CA SER A 39 -11.61 10.56 7.64
C SER A 39 -11.98 10.69 6.18
N ARG A 40 -12.13 11.92 5.68
CA ARG A 40 -12.58 12.08 4.31
C ARG A 40 -11.50 11.62 3.34
N LEU A 41 -10.25 11.93 3.63
CA LEU A 41 -9.17 11.56 2.73
C LEU A 41 -8.99 10.04 2.66
N LEU A 42 -9.14 9.36 3.80
CA LEU A 42 -9.07 7.90 3.81
C LEU A 42 -10.30 7.29 3.15
N LYS A 43 -11.47 7.94 3.25
CA LYS A 43 -12.65 7.46 2.53
C LYS A 43 -12.48 7.61 1.02
N ARG A 44 -11.87 8.71 0.58
CA ARG A 44 -11.59 8.88 -0.84
C ARG A 44 -10.56 7.86 -1.32
N LEU A 45 -9.53 7.60 -0.51
CA LEU A 45 -8.57 6.57 -0.87
C LEU A 45 -9.27 5.22 -1.03
N ASP A 46 -10.16 4.89 -0.11
CA ASP A 46 -10.87 3.62 -0.14
C ASP A 46 -11.67 3.44 -1.43
N LEU A 47 -12.13 4.53 -2.06
CA LEU A 47 -12.81 4.36 -3.35
C LEU A 47 -11.90 3.67 -4.37
N TYR A 48 -10.64 4.07 -4.39
CA TYR A 48 -9.68 3.53 -5.36
C TYR A 48 -9.14 2.19 -4.92
N THR A 49 -8.81 2.02 -3.64
CA THR A 49 -8.25 0.73 -3.23
C THR A 49 -9.29 -0.37 -3.22
N SER A 50 -10.55 -0.03 -2.99
CA SER A 50 -11.61 -1.03 -3.02
C SER A 50 -11.83 -1.53 -4.43
N LYS A 51 -11.81 -0.62 -5.42
CA LYS A 51 -11.94 -1.06 -6.81
C LYS A 51 -10.70 -1.85 -7.25
N TYR A 52 -9.51 -1.42 -6.83
CA TYR A 52 -8.31 -2.17 -7.16
C TYR A 52 -8.40 -3.60 -6.61
N ALA A 53 -8.86 -3.75 -5.37
CA ALA A 53 -9.01 -5.08 -4.78
C ALA A 53 -10.05 -5.91 -5.52
N ASP A 54 -11.12 -5.27 -5.96
CA ASP A 54 -12.09 -5.96 -6.80
C ASP A 54 -11.39 -6.48 -8.04
N GLY A 55 -10.52 -5.65 -8.63
CA GLY A 55 -9.80 -6.11 -9.81
C GLY A 55 -8.88 -7.27 -9.50
N ILE A 56 -8.19 -7.22 -8.36
CA ILE A 56 -7.32 -8.34 -7.97
C ILE A 56 -8.09 -9.62 -7.84
N ASN A 57 -9.25 -9.57 -7.17
CA ASN A 57 -10.12 -10.73 -7.06
C ASN A 57 -10.60 -11.21 -8.42
N ASN A 58 -10.93 -10.27 -9.30
CA ASN A 58 -11.42 -10.66 -10.62
C ASN A 58 -10.31 -11.35 -11.42
N GLU A 59 -9.08 -10.88 -11.29
CA GLU A 59 -7.96 -11.51 -11.99
C GLU A 59 -7.76 -12.93 -11.48
N ARG A 60 -7.92 -13.14 -10.17
CA ARG A 60 -7.81 -14.50 -9.65
C ARG A 60 -8.88 -15.39 -10.25
N GLU A 61 -10.11 -14.89 -10.32
CA GLU A 61 -11.21 -15.65 -10.90
C GLU A 61 -11.01 -15.86 -12.38
N ASN A 62 -10.51 -14.85 -13.11
CA ASN A 62 -10.28 -15.00 -14.54
C ASN A 62 -9.13 -15.98 -14.82
N SER A 63 -8.06 -15.95 -14.03
CA SER A 63 -7.00 -16.94 -14.23
C SER A 63 -7.54 -18.34 -14.02
N GLU A 64 -8.35 -18.56 -12.98
CA GLU A 64 -8.93 -19.87 -12.73
C GLU A 64 -9.88 -20.27 -13.87
N ALA A 65 -10.69 -19.33 -14.34
CA ALA A 65 -11.62 -19.66 -15.41
C ALA A 65 -10.88 -20.08 -16.66
N TYR A 66 -9.83 -19.36 -17.03
CA TYR A 66 -9.10 -19.69 -18.24
C TYR A 66 -8.45 -21.05 -18.13
N SER A 67 -7.86 -21.35 -16.98
CA SER A 67 -7.28 -22.68 -16.80
C SER A 67 -8.33 -23.76 -16.91
N LYS A 68 -9.52 -23.48 -16.37
CA LYS A 68 -10.69 -24.40 -16.39
C LYS A 68 -11.10 -24.66 -17.85
N LEU A 69 -11.05 -23.61 -18.69
CA LEU A 69 -11.44 -23.71 -20.10
C LEU A 69 -10.43 -24.53 -20.88
N VAL A 70 -9.13 -24.28 -20.68
CA VAL A 70 -8.12 -25.03 -21.43
C VAL A 70 -8.18 -26.50 -21.08
N THR A 71 -8.26 -26.79 -19.78
CA THR A 71 -8.30 -28.18 -19.33
C THR A 71 -9.52 -28.89 -19.87
N ALA A 72 -10.68 -28.26 -19.75
CA ALA A 72 -11.91 -28.88 -20.26
C ALA A 72 -11.87 -29.04 -21.77
N ALA A 73 -11.36 -28.02 -22.49
CA ALA A 73 -11.30 -28.12 -23.93
C ALA A 73 -10.46 -29.31 -24.36
N LEU A 74 -9.46 -29.69 -23.60
CA LEU A 74 -8.63 -30.84 -23.97
C LEU A 74 -9.32 -32.15 -23.63
N ALA A 75 -10.00 -32.19 -22.49
CA ALA A 75 -10.55 -33.43 -21.97
C ALA A 75 -11.94 -33.78 -22.47
N ALA A 76 -12.79 -32.79 -22.79
CA ALA A 76 -14.20 -33.06 -23.07
C ALA A 76 -14.39 -33.77 -24.41
N VAL A 77 -15.58 -34.37 -24.54
CA VAL A 77 -15.99 -35.04 -25.78
C VAL A 77 -16.28 -33.97 -26.83
N PRO A 78 -16.23 -34.31 -28.12
CA PRO A 78 -16.33 -33.27 -29.16
C PRO A 78 -17.56 -32.38 -29.07
N THR A 79 -18.74 -32.94 -28.76
CA THR A 79 -19.93 -32.10 -28.67
C THR A 79 -19.74 -31.01 -27.64
N MET A 80 -19.02 -31.30 -26.54
CA MET A 80 -18.76 -30.29 -25.52
C MET A 80 -17.57 -29.43 -25.91
N GLN A 81 -16.54 -30.04 -26.49
CA GLN A 81 -15.39 -29.26 -26.92
C GLN A 81 -15.82 -28.15 -27.87
N ARG A 82 -16.77 -28.44 -28.76
CA ARG A 82 -17.17 -27.42 -29.71
C ARG A 82 -17.84 -26.24 -28.99
N LYS A 83 -18.51 -26.46 -27.86
CA LYS A 83 -19.09 -25.37 -27.05
C LYS A 83 -18.00 -24.61 -26.29
N ILE A 84 -16.84 -25.19 -26.04
CA ILE A 84 -15.78 -24.53 -25.28
C ILE A 84 -14.83 -23.74 -26.19
N LEU A 85 -14.54 -24.26 -27.39
CA LEU A 85 -13.58 -23.56 -28.25
C LEU A 85 -13.87 -22.09 -28.47
N PRO A 86 -15.12 -21.64 -28.71
CA PRO A 86 -15.34 -20.21 -28.93
C PRO A 86 -15.06 -19.34 -27.71
N LEU A 87 -14.91 -19.94 -26.55
CA LEU A 87 -14.60 -19.19 -25.34
C LEU A 87 -13.12 -18.95 -25.17
N LEU A 88 -12.26 -19.71 -25.82
CA LEU A 88 -10.86 -19.70 -25.41
C LEU A 88 -10.13 -18.42 -25.79
N GLY A 89 -10.22 -17.99 -27.05
CA GLY A 89 -9.53 -16.80 -27.49
C GLY A 89 -10.07 -15.57 -26.79
N ALA A 90 -11.39 -15.50 -26.67
CA ALA A 90 -12.04 -14.38 -26.00
C ALA A 90 -11.62 -14.33 -24.53
N ALA A 91 -11.59 -15.49 -23.88
CA ALA A 91 -11.14 -15.54 -22.48
C ALA A 91 -9.69 -15.11 -22.34
N ALA A 92 -8.80 -15.52 -23.24
CA ALA A 92 -7.43 -15.05 -23.19
C ALA A 92 -7.35 -13.52 -23.33
N ASP A 93 -8.18 -12.96 -24.21
CA ASP A 93 -8.24 -11.51 -24.37
C ASP A 93 -8.67 -10.86 -23.06
N ILE A 94 -9.74 -11.36 -22.44
CA ILE A 94 -10.21 -10.80 -21.18
C ILE A 94 -9.12 -10.85 -20.11
N LEU A 95 -8.46 -12.00 -19.98
CA LEU A 95 -7.48 -12.16 -18.92
C LEU A 95 -6.27 -11.26 -19.16
N ASP A 96 -5.80 -11.19 -20.40
CA ASP A 96 -4.63 -10.37 -20.69
C ASP A 96 -4.92 -8.89 -20.41
N ILE A 97 -6.09 -8.41 -20.86
CA ILE A 97 -6.44 -7.01 -20.63
C ILE A 97 -6.58 -6.75 -19.13
N CYS A 98 -7.23 -7.68 -18.43
CA CYS A 98 -7.40 -7.58 -16.97
C CYS A 98 -6.05 -7.42 -16.29
N ARG A 99 -5.10 -8.26 -16.64
CA ARG A 99 -3.79 -8.19 -16.01
C ARG A 99 -3.05 -6.92 -16.37
N ARG A 100 -3.17 -6.45 -17.61
CA ARG A 100 -2.46 -5.24 -18.00
C ARG A 100 -3.04 -4.01 -17.32
N GLU A 101 -4.37 -3.99 -17.17
CA GLU A 101 -5.01 -2.90 -16.46
C GLU A 101 -4.53 -2.85 -15.01
N LEU A 102 -4.44 -4.00 -14.37
CA LEU A 102 -3.92 -4.03 -13.00
C LEU A 102 -2.47 -3.57 -12.94
N ALA A 103 -1.62 -3.99 -13.86
CA ALA A 103 -0.22 -3.59 -13.81
C ALA A 103 -0.07 -2.09 -14.02
N THR A 104 -0.92 -1.48 -14.85
CA THR A 104 -0.88 -0.03 -15.04
C THR A 104 -1.36 0.70 -13.77
N ALA A 105 -2.41 0.18 -13.15
CA ALA A 105 -2.97 0.82 -11.98
C ALA A 105 -2.07 0.67 -10.76
N ARG A 106 -1.33 -0.43 -10.64
CA ARG A 106 -0.61 -0.81 -9.42
C ARG A 106 0.25 0.35 -8.93
N PRO A 107 1.18 0.90 -9.73
CA PRO A 107 2.06 1.95 -9.16
C PRO A 107 1.33 3.24 -8.83
N LEU A 108 0.24 3.54 -9.53
CA LEU A 108 -0.54 4.74 -9.22
C LEU A 108 -1.28 4.57 -7.89
N VAL A 109 -1.85 3.40 -7.63
CA VAL A 109 -2.52 3.13 -6.37
C VAL A 109 -1.52 3.12 -5.24
N GLN A 110 -0.35 2.54 -5.47
CA GLN A 110 0.68 2.52 -4.44
C GLN A 110 1.13 3.93 -4.09
N ALA A 111 1.31 4.79 -5.11
CA ALA A 111 1.74 6.16 -4.84
C ALA A 111 0.70 6.93 -4.05
N ALA A 112 -0.58 6.67 -4.32
CA ALA A 112 -1.65 7.35 -3.60
C ALA A 112 -1.76 6.86 -2.16
N ILE A 113 -1.62 5.56 -1.94
CA ILE A 113 -1.65 5.02 -0.58
C ILE A 113 -0.56 5.67 0.26
N SER A 114 0.66 5.74 -0.29
CA SER A 114 1.76 6.25 0.53
C SER A 114 1.57 7.73 0.83
N LYS A 115 1.10 8.51 -0.15
CA LYS A 115 0.97 9.96 0.03
C LYS A 115 -0.22 10.30 0.93
N ILE A 116 -1.33 9.57 0.81
CA ILE A 116 -2.48 9.81 1.67
C ILE A 116 -2.18 9.40 3.11
N GLU A 117 -1.52 8.27 3.32
CA GLU A 117 -1.22 7.82 4.67
C GLU A 117 -0.22 8.75 5.37
N GLU A 118 0.76 9.30 4.62
CA GLU A 118 1.66 10.30 5.20
C GLU A 118 0.87 11.54 5.64
N ALA A 119 -0.04 12.02 4.80
CA ALA A 119 -0.84 13.18 5.18
C ALA A 119 -1.73 12.88 6.37
N ALA A 120 -2.23 11.64 6.47
CA ALA A 120 -3.06 11.22 7.59
C ALA A 120 -2.28 11.25 8.89
N GLY A 121 -1.00 10.90 8.85
CA GLY A 121 -0.17 11.03 10.03
C GLY A 121 -0.03 12.49 10.48
N VAL A 122 0.18 13.39 9.52
CA VAL A 122 0.18 14.80 9.88
C VAL A 122 -1.15 15.19 10.51
N TYR A 123 -2.29 14.74 9.94
CA TYR A 123 -3.57 15.08 10.56
C TYR A 123 -3.68 14.57 12.00
N ASN A 124 -3.03 13.46 12.32
CA ASN A 124 -3.04 13.00 13.70
C ASN A 124 -2.50 14.10 14.60
N THR A 125 -1.38 14.70 14.17
CA THR A 125 -0.79 15.74 15.00
C THR A 125 -1.65 17.00 15.01
N LEU A 126 -2.27 17.34 13.88
CA LEU A 126 -3.17 18.50 13.86
C LEU A 126 -4.33 18.33 14.84
N HIS A 127 -4.76 17.12 15.06
CA HIS A 127 -5.80 16.78 16.04
C HIS A 127 -5.25 16.91 17.46
N LYS A 128 -3.99 16.61 17.66
CA LYS A 128 -3.35 16.77 18.98
C LYS A 128 -3.27 18.27 19.31
N LEU A 129 -3.19 19.12 18.31
CA LEU A 129 -2.97 20.55 18.51
C LEU A 129 -4.23 21.39 18.38
N GLU A 130 -5.38 20.77 18.08
CA GLU A 130 -6.59 21.51 17.72
C GLU A 130 -7.04 22.45 18.83
N ARG A 131 -6.80 22.11 20.10
CA ARG A 131 -7.28 22.87 21.28
C ARG A 131 -6.12 23.73 21.79
N GLY A 132 -5.03 23.85 21.07
CA GLY A 132 -3.90 24.62 21.50
C GLY A 132 -2.94 23.83 22.37
N LEU A 133 -1.99 24.57 22.93
CA LEU A 133 -0.90 23.97 23.70
C LEU A 133 -0.82 24.59 25.10
N GLY A 134 -1.96 24.99 25.65
CA GLY A 134 -2.00 25.41 27.05
C GLY A 134 -1.43 26.80 27.30
N GLU A 135 -1.09 27.03 28.57
CA GLU A 135 -0.73 28.38 29.01
C GLU A 135 0.15 28.31 30.25
N ALA A 136 0.84 29.42 30.49
CA ALA A 136 1.52 29.70 31.75
C ALA A 136 0.81 30.87 32.38
N LYS A 137 0.35 30.71 33.61
CA LYS A 137 -0.37 31.79 34.28
C LYS A 137 0.34 32.10 35.60
N ILE A 138 0.95 33.27 35.66
CA ILE A 138 1.56 33.77 36.89
C ILE A 138 0.53 34.59 37.64
N GLU A 139 0.37 34.28 38.92
CA GLU A 139 -0.38 35.10 39.86
C GLU A 139 0.59 35.55 40.94
N PHE A 140 0.91 36.83 40.95
CA PHE A 140 1.98 37.30 41.84
C PHE A 140 1.66 37.19 43.33
N GLY A 141 0.40 36.94 43.71
CA GLY A 141 0.07 36.53 45.05
C GLY A 141 -0.50 37.61 45.96
N GLY A 142 -0.20 38.89 45.71
CA GLY A 142 -0.72 39.99 46.50
C GLY A 142 0.22 40.56 47.55
N THR A 143 1.37 39.94 47.76
CA THR A 143 2.33 40.40 48.76
C THR A 143 3.55 41.07 48.15
N ASP A 144 4.12 40.50 47.09
CA ASP A 144 5.29 41.07 46.46
C ASP A 144 5.38 40.59 45.02
N LEU A 145 6.38 41.10 44.31
CA LEU A 145 6.64 40.70 42.92
C LEU A 145 7.83 39.74 42.82
N ARG A 146 8.23 39.11 43.92
CA ARG A 146 9.16 37.99 43.84
C ARG A 146 8.49 36.81 43.10
N LEU A 147 9.32 35.90 42.60
CA LEU A 147 8.80 34.82 41.75
C LEU A 147 9.49 33.52 42.10
N THR A 148 8.68 32.49 42.35
CA THR A 148 9.13 31.10 42.34
C THR A 148 8.08 30.31 41.59
N LYS A 149 8.34 29.02 41.45
CA LYS A 149 7.39 28.16 40.75
C LYS A 149 6.01 28.19 41.36
N THR A 150 5.88 28.45 42.66
CA THR A 150 4.57 28.37 43.26
C THR A 150 3.63 29.48 42.81
N LYS A 151 4.12 30.52 42.17
CA LYS A 151 3.25 31.55 41.62
C LYS A 151 2.77 31.25 40.21
N PHE A 152 3.25 30.15 39.63
CA PHE A 152 2.74 29.66 38.34
C PHE A 152 1.58 28.73 38.66
N ARG A 153 0.37 29.28 38.65
CA ARG A 153 -0.76 28.41 39.01
C ARG A 153 -1.26 27.62 37.81
N ALA A 154 -1.28 28.22 36.63
CA ALA A 154 -1.50 27.48 35.41
C ALA A 154 -0.14 27.21 34.80
N THR A 155 0.08 25.95 34.45
CA THR A 155 1.27 25.50 33.75
C THR A 155 0.90 24.41 32.77
N SER A 156 -0.28 24.53 32.14
CA SER A 156 -0.72 23.60 31.11
C SER A 156 0.10 23.67 29.83
N LEU A 157 1.01 24.64 29.71
CA LEU A 157 1.80 24.83 28.50
C LEU A 157 2.51 23.53 28.13
N GLY A 158 2.30 23.11 26.86
CA GLY A 158 2.88 21.88 26.34
C GLY A 158 1.96 20.70 26.36
N THR A 159 0.76 20.82 26.92
CA THR A 159 -0.19 19.71 26.93
C THR A 159 -0.89 19.62 25.58
N ILE A 160 -0.84 18.44 24.96
CA ILE A 160 -1.54 18.20 23.72
C ILE A 160 -2.91 17.59 24.01
N HIS A 161 -3.78 17.57 23.00
CA HIS A 161 -5.12 17.03 23.13
C HIS A 161 -5.05 15.52 22.95
N THR A 162 -5.65 14.78 23.87
CA THR A 162 -5.55 13.33 23.89
C THR A 162 -6.83 12.57 23.54
N ALA A 163 -7.97 13.23 23.47
CA ALA A 163 -9.21 12.50 23.25
C ALA A 163 -9.27 11.93 21.84
N ASP A 164 -9.98 10.81 21.70
CA ASP A 164 -10.28 10.30 20.38
C ASP A 164 -11.15 11.31 19.64
N CYS A 165 -11.27 11.10 18.33
CA CYS A 165 -12.20 11.87 17.53
C CYS A 165 -13.63 11.60 17.99
N PRO A 166 -14.50 12.61 17.94
CA PRO A 166 -15.93 12.35 18.22
C PRO A 166 -16.54 11.39 17.20
N ASN A 167 -17.57 10.66 17.66
CA ASN A 167 -18.19 9.63 16.83
C ASN A 167 -18.91 10.22 15.63
N ALA A 168 -19.41 11.44 15.74
CA ALA A 168 -20.04 12.15 14.61
C ALA A 168 -19.25 13.41 14.33
N ASP A 169 -18.93 13.65 13.06
CA ASP A 169 -18.15 14.83 12.69
C ASP A 169 -19.06 15.90 12.05
N GLU A 172 -18.33 16.64 8.27
CA GLU A 172 -18.28 15.54 7.32
C GLU A 172 -19.61 14.79 7.27
N VAL A 175 -21.51 14.91 3.54
CA VAL A 175 -20.57 14.83 2.43
C VAL A 175 -20.76 13.51 1.68
N LYS A 176 -20.90 13.59 0.37
CA LYS A 176 -21.06 12.41 -0.48
C LYS A 176 -19.73 12.11 -1.15
N ILE A 177 -19.22 10.90 -0.92
CA ILE A 177 -17.93 10.47 -1.41
C ILE A 177 -18.14 9.39 -2.46
N GLY A 178 -17.61 9.61 -3.66
CA GLY A 178 -17.74 8.64 -4.73
C GLY A 178 -16.92 9.06 -5.93
N LEU A 179 -16.62 8.07 -6.79
CA LEU A 179 -15.76 8.36 -7.92
C LEU A 179 -16.38 9.40 -8.84
N GLU A 180 -17.72 9.44 -8.91
CA GLU A 180 -18.39 10.45 -9.73
C GLU A 180 -18.21 11.85 -9.17
N HIS A 181 -17.92 11.99 -7.88
CA HIS A 181 -17.76 13.30 -7.28
C HIS A 181 -16.31 13.76 -7.24
N GLU A 182 -15.36 12.91 -7.65
CA GLU A 182 -13.96 13.21 -7.41
C GLU A 182 -13.43 14.33 -8.29
N GLU A 183 -14.01 14.54 -9.48
CA GLU A 183 -13.48 15.58 -10.36
C GLU A 183 -13.62 16.96 -9.75
N ASN A 184 -14.59 17.17 -8.86
CA ASN A 184 -14.81 18.49 -8.26
C ASN A 184 -14.57 18.51 -6.75
N GLU A 185 -13.98 17.47 -6.20
CA GLU A 185 -13.70 17.46 -4.78
C GLU A 185 -12.57 18.44 -4.47
N PRO A 186 -12.73 19.29 -3.46
CA PRO A 186 -11.65 20.23 -3.13
C PRO A 186 -10.49 19.55 -2.44
N GLU A 187 -9.36 20.25 -2.44
CA GLU A 187 -8.18 19.79 -1.74
C GLU A 187 -8.47 19.65 -0.25
N PRO A 188 -7.83 18.69 0.41
CA PRO A 188 -7.92 18.62 1.87
C PRO A 188 -7.36 19.89 2.50
N ALA A 189 -7.99 20.33 3.59
CA ALA A 189 -7.66 21.60 4.22
C ALA A 189 -6.37 21.50 5.02
N LYS A 190 -5.63 22.61 5.07
CA LYS A 190 -4.38 22.65 5.81
C LYS A 190 -4.61 22.84 7.31
N LEU A 191 -5.71 23.49 7.66
CA LEU A 191 -6.13 23.72 9.04
C LEU A 191 -5.29 24.68 9.89
N ILE A 192 -4.00 24.42 10.06
CA ILE A 192 -3.12 25.24 10.89
C ILE A 192 -2.02 25.80 10.00
N THR A 193 -1.94 27.12 9.93
CA THR A 193 -0.83 27.83 9.30
C THR A 193 -0.07 28.77 10.23
N HIS A 194 -0.61 29.10 11.41
CA HIS A 194 0.00 30.09 12.29
C HIS A 194 -0.14 29.63 13.72
N GLY A 195 0.85 29.98 14.52
CA GLY A 195 0.78 29.86 15.96
C GLY A 195 0.56 31.25 16.52
N HIS A 196 -0.16 31.35 17.64
CA HIS A 196 -0.56 32.62 18.22
C HIS A 196 -0.09 32.69 19.65
N LEU A 197 0.55 33.79 19.98
CA LEU A 197 0.90 34.09 21.35
C LEU A 197 -0.30 34.82 21.95
N ASP A 198 -1.07 34.12 22.78
CA ASP A 198 -2.21 34.69 23.49
C ASP A 198 -1.72 35.27 24.81
N ALA A 199 -2.20 36.48 25.14
CA ALA A 199 -1.74 37.16 26.35
C ALA A 199 -2.91 37.77 27.09
N THR A 200 -2.84 37.68 28.41
CA THR A 200 -3.79 38.33 29.33
C THR A 200 -3.00 38.89 30.51
N CYS A 201 -3.22 40.18 30.82
CA CYS A 201 -2.59 40.81 31.98
C CYS A 201 -3.64 41.53 32.82
N ALA A 202 -3.35 41.57 34.08
CA ALA A 202 -4.33 42.22 34.94
C ALA A 202 -3.57 42.67 36.15
N SER A 203 -3.51 43.98 36.35
CA SER A 203 -2.82 44.59 37.47
C SER A 203 -3.87 45.24 38.37
N GLY A 204 -3.48 45.43 39.63
CA GLY A 204 -4.37 45.99 40.62
C GLY A 204 -5.10 44.93 41.42
N VAL A 205 -5.67 45.39 42.55
CA VAL A 205 -6.44 44.50 43.43
C VAL A 205 -7.73 44.11 42.73
N GLY A 206 -8.04 42.83 42.74
CA GLY A 206 -9.20 42.33 42.05
C GLY A 206 -8.96 41.99 40.58
N GLN A 207 -7.85 42.42 39.99
CA GLN A 207 -7.53 42.13 38.60
C GLN A 207 -8.68 42.54 37.67
N SER A 208 -9.08 43.81 37.79
CA SER A 208 -10.13 44.37 36.94
C SER A 208 -9.61 45.45 36.00
N SER A 209 -8.41 45.95 36.21
CA SER A 209 -7.87 47.03 35.41
C SER A 209 -6.90 46.41 34.41
N SER A 210 -6.31 47.25 33.59
CA SER A 210 -5.41 46.82 32.54
C SER A 210 -3.99 47.29 32.84
N CYS A 211 -3.02 46.49 32.41
CA CYS A 211 -1.61 46.77 32.64
C CYS A 211 -1.10 47.78 31.59
N THR A 214 -2.20 50.54 34.44
CA THR A 214 -1.63 50.29 35.79
C THR A 214 -0.39 49.39 35.69
N ALA A 215 0.77 49.76 36.22
CA ALA A 215 1.97 48.91 36.08
C ALA A 215 1.75 47.57 36.83
N VAL A 216 2.27 46.48 36.29
CA VAL A 216 2.31 45.16 36.91
C VAL A 216 2.71 45.30 38.37
N GLU A 217 1.88 44.74 39.26
CA GLU A 217 2.10 44.86 40.69
C GLU A 217 1.79 43.52 41.36
N ALA A 218 1.63 43.54 42.68
CA ALA A 218 1.63 42.30 43.45
C ALA A 218 0.38 41.47 43.28
N ASN A 219 -0.74 42.08 42.88
CA ASN A 219 -1.97 41.34 42.63
C ASN A 219 -2.09 40.94 41.17
N THR A 220 -1.08 41.22 40.34
CA THR A 220 -1.20 41.06 38.89
C THR A 220 -1.24 39.60 38.44
N HIS A 221 -2.15 39.30 37.52
CA HIS A 221 -2.18 38.02 36.81
C HIS A 221 -1.66 38.21 35.40
N LEU A 222 -0.66 37.42 35.02
CA LEU A 222 -0.07 37.48 33.68
C LEU A 222 -0.18 36.09 33.09
N THR A 223 -0.88 35.96 31.98
CA THR A 223 -1.17 34.65 31.37
C THR A 223 -0.67 34.68 29.93
N LEU A 224 0.21 33.76 29.57
CA LEU A 224 0.70 33.60 28.21
C LEU A 224 0.41 32.18 27.72
N GLY A 225 -0.25 32.08 26.56
CA GLY A 225 -0.64 30.80 26.02
C GLY A 225 -0.31 30.72 24.55
N LEU A 226 -0.41 29.50 24.03
CA LEU A 226 -0.16 29.21 22.62
C LEU A 226 -1.37 28.52 22.00
N THR A 227 -1.91 29.12 20.97
CA THR A 227 -2.96 28.48 20.17
C THR A 227 -2.55 28.51 18.71
N PHE A 228 -3.38 27.87 17.88
CA PHE A 228 -3.08 27.71 16.47
C PHE A 228 -4.36 27.97 15.68
N SER A 229 -4.20 28.44 14.44
CA SER A 229 -5.34 28.60 13.54
C SER A 229 -4.84 28.67 12.10
N GLY A 230 -5.79 28.88 11.19
CA GLY A 230 -5.56 28.98 9.77
C GLY A 230 -5.33 30.39 9.26
N SER A 231 -5.18 31.37 10.14
CA SER A 231 -4.98 32.74 9.69
C SER A 231 -4.05 33.46 10.65
N SER A 232 -3.28 34.40 10.11
CA SER A 232 -2.47 35.28 10.97
C SER A 232 -3.38 36.17 11.81
N LYS A 233 -2.95 36.47 13.04
CA LYS A 233 -3.68 37.31 13.97
C LYS A 233 -2.75 38.31 14.66
N ASP A 234 -3.26 39.53 14.82
CA ASP A 234 -2.59 40.53 15.66
C ASP A 234 -3.71 41.38 16.26
N GLU A 235 -4.11 41.15 17.50
CA GLU A 235 -5.23 41.88 18.13
C GLU A 235 -4.67 42.84 19.18
N SER A 236 -3.39 43.23 19.06
CA SER A 236 -2.82 44.13 20.05
C SER A 236 -3.56 45.47 20.12
N ALA A 237 -4.16 45.91 19.01
CA ALA A 237 -4.80 47.22 18.98
C ALA A 237 -5.89 47.31 20.05
N THR A 238 -6.75 46.30 20.13
CA THR A 238 -7.75 46.28 21.19
C THR A 238 -7.14 45.85 22.52
N TRP A 239 -6.17 44.94 22.48
CA TRP A 239 -5.59 44.40 23.71
C TRP A 239 -4.89 45.49 24.52
N ASN A 240 -4.27 46.44 23.84
CA ASN A 240 -3.47 47.46 24.53
C ASN A 240 -4.32 48.45 25.33
N ALA A 241 -5.62 48.54 25.06
CA ALA A 241 -6.52 49.36 25.84
C ALA A 241 -7.38 48.52 26.78
N ALA A 242 -7.23 47.19 26.74
CA ALA A 242 -8.05 46.30 27.55
C ALA A 242 -7.31 44.97 27.68
N THR A 243 -6.24 44.98 28.48
CA THR A 243 -5.22 43.92 28.73
C THR A 243 -5.77 42.76 29.50
N ASN A 244 -6.92 42.91 30.14
CA ASN A 244 -7.63 41.88 30.90
C ASN A 244 -8.56 41.03 30.00
N ASN A 245 -8.42 41.12 28.69
CA ASN A 245 -9.10 40.21 27.78
C ASN A 245 -8.01 39.42 27.06
N LYS A 246 -8.25 38.13 26.95
CA LYS A 246 -7.30 37.25 26.28
C LYS A 246 -7.32 37.55 24.78
N ARG A 247 -6.18 37.95 24.24
CA ARG A 247 -6.08 38.22 22.81
C ARG A 247 -4.78 37.67 22.23
N ALA A 248 -4.83 37.37 20.94
CA ALA A 248 -3.66 36.90 20.20
C ALA A 248 -2.85 38.13 19.79
N ILE A 249 -1.73 38.37 20.46
CA ILE A 249 -0.96 39.60 20.26
C ILE A 249 0.21 39.45 19.30
N HIS A 250 0.53 38.23 18.87
CA HIS A 250 1.53 38.03 17.82
C HIS A 250 1.29 36.67 17.21
N SER A 251 1.64 36.55 15.93
CA SER A 251 1.49 35.28 15.23
C SER A 251 2.81 34.89 14.57
N ASN A 252 3.07 33.58 14.52
CA ASN A 252 4.24 33.03 13.85
C ASN A 252 3.80 31.92 12.92
N ASP A 253 4.67 31.61 11.97
CA ASP A 253 4.32 30.62 10.96
C ASP A 253 4.40 29.22 11.52
N ALA A 254 3.38 28.41 11.25
CA ALA A 254 3.26 27.05 11.75
C ALA A 254 2.57 26.19 10.69
N ASP A 255 3.18 26.15 9.52
CA ASP A 255 2.64 25.34 8.39
C ASP A 255 3.07 23.88 8.55
N PHE A 256 2.26 23.08 9.21
CA PHE A 256 2.64 21.68 9.49
C PHE A 256 2.51 20.81 8.25
N LEU A 257 1.41 20.94 7.52
CA LEU A 257 1.17 20.02 6.41
C LEU A 257 1.98 20.37 5.17
N GLY A 258 2.33 21.62 4.99
CA GLY A 258 2.99 22.01 3.75
C GLY A 258 2.15 21.59 2.57
N SER A 259 2.79 20.92 1.62
CA SER A 259 2.11 20.45 0.42
C SER A 259 1.69 18.99 0.53
N ASN A 260 1.72 18.40 1.72
CA ASN A 260 1.47 16.96 1.83
C ASN A 260 0.05 16.61 1.40
N ALA A 261 -0.93 17.44 1.78
CA ALA A 261 -2.31 17.13 1.42
C ALA A 261 -2.55 17.41 -0.06
N THR A 262 -1.90 18.44 -0.61
CA THR A 262 -2.02 18.73 -2.03
C THR A 262 -1.46 17.58 -2.86
N VAL A 263 -0.29 17.05 -2.47
CA VAL A 263 0.33 15.95 -3.21
C VAL A 263 -0.51 14.69 -3.12
N ALA A 264 -1.14 14.43 -1.97
CA ALA A 264 -2.05 13.31 -1.84
C ALA A 264 -3.24 13.46 -2.77
N HIS A 265 -3.86 14.65 -2.78
CA HIS A 265 -4.95 14.94 -3.71
C HIS A 265 -4.53 14.70 -5.14
N GLU A 266 -3.36 15.18 -5.54
CA GLU A 266 -2.85 15.04 -6.92
C GLU A 266 -2.63 13.55 -7.22
N ALA A 267 -2.29 12.72 -6.25
CA ALA A 267 -2.05 11.30 -6.52
C ALA A 267 -3.35 10.57 -6.82
N LEU A 268 -4.44 10.97 -6.18
CA LEU A 268 -5.75 10.44 -6.56
C LEU A 268 -6.12 10.87 -7.97
N LYS A 269 -5.87 12.14 -8.34
CA LYS A 269 -6.16 12.58 -9.70
C LYS A 269 -5.33 11.79 -10.70
N ALA A 270 -4.10 11.42 -10.35
CA ALA A 270 -3.26 10.66 -11.28
C ALA A 270 -3.90 9.33 -11.66
N ILE A 271 -4.61 8.71 -10.72
CA ILE A 271 -5.28 7.45 -11.02
C ILE A 271 -6.37 7.69 -12.03
N ARG A 272 -7.18 8.74 -11.80
CA ARG A 272 -8.29 9.05 -12.71
C ARG A 272 -7.76 9.46 -14.09
N SER A 273 -6.68 10.22 -14.14
CA SER A 273 -6.17 10.69 -15.43
C SER A 273 -5.67 9.53 -16.27
N ALA A 274 -5.17 8.48 -15.64
CA ALA A 274 -4.72 7.29 -16.35
C ALA A 274 -5.86 6.34 -16.71
N GLY A 275 -7.07 6.66 -16.29
CA GLY A 275 -8.19 5.74 -16.47
C GLY A 275 -8.04 4.44 -15.72
N ALA A 276 -7.39 4.49 -14.55
CA ALA A 276 -7.00 3.29 -13.81
C ALA A 276 -7.82 3.06 -12.55
N SER A 277 -8.97 3.73 -12.42
CA SER A 277 -9.75 3.62 -11.20
C SER A 277 -10.43 2.29 -11.03
N THR A 278 -10.74 1.56 -12.10
CA THR A 278 -11.53 0.34 -12.01
C THR A 278 -10.90 -0.73 -12.90
N PRO A 279 -9.68 -1.16 -12.57
CA PRO A 279 -9.00 -2.16 -13.39
C PRO A 279 -9.63 -3.53 -13.27
N CYS A 280 -9.52 -4.30 -14.36
CA CYS A 280 -9.93 -5.70 -14.38
C CYS A 280 -11.40 -5.86 -13.94
N SER A 281 -12.29 -5.06 -14.53
CA SER A 281 -13.69 -5.17 -14.17
C SER A 281 -14.43 -6.25 -14.94
N SER A 282 -13.84 -6.83 -16.01
CA SER A 282 -14.53 -7.78 -16.86
C SER A 282 -14.21 -9.20 -16.42
N LEU A 283 -15.20 -10.08 -16.52
CA LEU A 283 -15.10 -11.46 -16.08
C LEU A 283 -15.40 -12.41 -17.23
N ILE A 284 -14.54 -13.43 -17.38
CA ILE A 284 -14.77 -14.49 -18.34
C ILE A 284 -16.12 -15.15 -18.13
N THR A 285 -16.60 -15.21 -16.89
CA THR A 285 -17.88 -15.88 -16.60
C THR A 285 -19.09 -14.99 -16.92
N ASP A 286 -18.85 -13.79 -17.43
CA ASP A 286 -19.91 -12.88 -17.90
C ASP A 286 -20.06 -13.06 -19.42
N PHE A 287 -21.19 -13.62 -19.84
CA PHE A 287 -21.39 -13.88 -21.28
C PHE A 287 -21.27 -12.59 -22.08
N ASN A 288 -21.69 -11.46 -21.52
CA ASN A 288 -21.59 -10.21 -22.27
C ASN A 288 -20.14 -9.81 -22.54
N ALA A 289 -19.20 -10.26 -21.73
CA ALA A 289 -17.80 -9.96 -21.99
C ALA A 289 -17.25 -10.82 -23.12
N VAL A 290 -17.78 -12.04 -23.29
CA VAL A 290 -17.33 -12.95 -24.33
C VAL A 290 -18.07 -12.71 -25.64
N ARG A 291 -19.39 -12.52 -25.57
CA ARG A 291 -20.32 -12.49 -26.73
C ARG A 291 -19.94 -11.38 -27.71
N ALA A 292 -19.20 -10.36 -27.25
CA ALA A 292 -18.86 -9.25 -28.12
C ALA A 292 -17.57 -9.50 -28.89
N ASN A 293 -16.79 -10.48 -28.50
CA ASN A 293 -15.47 -10.66 -29.06
C ASN A 293 -15.56 -11.27 -30.45
N PRO A 294 -14.98 -10.61 -31.46
CA PRO A 294 -14.98 -11.21 -32.81
C PRO A 294 -14.45 -12.63 -32.85
N LYS A 295 -13.46 -12.96 -32.02
CA LYS A 295 -12.91 -14.32 -32.00
C LYS A 295 -13.96 -15.33 -31.55
N PHE A 296 -14.88 -14.90 -30.67
CA PHE A 296 -15.96 -15.78 -30.24
C PHE A 296 -16.92 -16.04 -31.40
N LYS A 297 -17.38 -14.97 -32.05
CA LYS A 297 -18.29 -15.18 -33.17
C LYS A 297 -17.65 -16.01 -34.27
N LEU A 298 -16.37 -15.75 -34.56
CA LEU A 298 -15.69 -16.54 -35.59
C LEU A 298 -15.57 -18.01 -35.22
N MET A 299 -15.14 -18.32 -33.99
CA MET A 299 -15.04 -19.72 -33.57
C MET A 299 -16.40 -20.39 -33.43
N VAL A 300 -17.49 -19.65 -33.20
CA VAL A 300 -18.80 -20.25 -33.35
C VAL A 300 -18.99 -20.81 -34.76
N ILE A 301 -18.59 -20.02 -35.77
CA ILE A 301 -18.71 -20.47 -37.16
C ILE A 301 -17.80 -21.67 -37.41
N LYS A 302 -16.56 -21.60 -36.94
CA LYS A 302 -15.61 -22.66 -37.23
C LYS A 302 -15.99 -23.96 -36.56
N ALA A 303 -16.40 -23.90 -35.29
CA ALA A 303 -16.56 -25.08 -34.45
C ALA A 303 -18.01 -25.55 -34.36
N LEU A 304 -18.98 -24.65 -34.46
CA LEU A 304 -20.38 -25.01 -34.28
C LEU A 304 -21.20 -24.99 -35.58
N LEU A 305 -20.69 -24.39 -36.65
CA LEU A 305 -21.39 -24.39 -37.94
C LEU A 305 -20.63 -25.16 -39.01
N ASN A 306 -19.66 -26.00 -38.61
CA ASN A 306 -19.00 -26.94 -39.53
C ASN A 306 -18.30 -26.20 -40.66
N LYS A 307 -17.72 -25.04 -40.37
CA LYS A 307 -16.95 -24.26 -41.33
C LYS A 307 -15.58 -23.93 -40.74
N PRO A 308 -14.73 -24.93 -40.57
CA PRO A 308 -13.50 -24.69 -39.80
C PRO A 308 -12.53 -23.74 -40.49
N THR A 309 -12.58 -23.55 -41.80
CA THR A 309 -11.63 -22.67 -42.48
C THR A 309 -12.08 -21.22 -42.49
N ALA A 310 -13.29 -20.93 -41.98
CA ALA A 310 -13.75 -19.54 -41.91
C ALA A 310 -12.75 -18.67 -41.15
N GLU A 311 -12.56 -17.44 -41.64
CA GLU A 311 -11.76 -16.45 -40.93
C GLU A 311 -12.43 -15.10 -40.78
N LYS A 312 -13.67 -14.94 -41.25
CA LYS A 312 -14.40 -13.69 -41.13
C LYS A 312 -15.81 -13.95 -40.59
N GLU A 313 -16.30 -13.00 -39.79
CA GLU A 313 -17.61 -13.16 -39.20
C GLU A 313 -18.71 -13.25 -40.26
N SER A 314 -18.48 -12.70 -41.44
CA SER A 314 -19.45 -12.77 -42.51
C SER A 314 -19.49 -14.12 -43.22
N ASP A 315 -18.68 -15.09 -42.79
CA ASP A 315 -18.57 -16.36 -43.49
C ASP A 315 -19.74 -17.30 -43.24
N ALA A 316 -20.63 -16.99 -42.30
CA ALA A 316 -21.89 -17.70 -42.15
C ALA A 316 -23.00 -16.67 -41.95
N PRO A 317 -24.22 -16.99 -42.39
CA PRO A 317 -25.32 -16.04 -42.15
C PRO A 317 -25.52 -15.77 -40.66
N ALA A 318 -25.80 -14.50 -40.35
CA ALA A 318 -25.93 -14.08 -38.96
C ALA A 318 -27.01 -14.86 -38.23
N ASP A 319 -28.08 -15.18 -38.91
CA ASP A 319 -29.10 -16.03 -38.30
C ASP A 319 -28.45 -17.33 -37.86
N GLU A 320 -27.73 -18.07 -38.69
CA GLU A 320 -27.18 -19.36 -38.32
C GLU A 320 -26.24 -19.22 -37.14
N VAL A 321 -25.46 -18.13 -37.10
CA VAL A 321 -24.59 -17.86 -35.97
C VAL A 321 -25.40 -17.69 -34.69
N ASN A 322 -26.49 -16.93 -34.77
CA ASN A 322 -27.29 -16.73 -33.56
C ASN A 322 -27.95 -18.03 -33.10
N ASN A 323 -28.44 -18.84 -34.04
CA ASN A 323 -29.03 -20.12 -33.65
C ASN A 323 -28.00 -21.05 -33.03
N ALA A 324 -26.77 -21.02 -33.55
CA ALA A 324 -25.70 -21.83 -32.94
C ALA A 324 -25.37 -21.34 -31.52
N ILE A 325 -25.30 -20.03 -31.32
CA ILE A 325 -25.08 -19.46 -29.99
C ILE A 325 -26.21 -19.89 -29.04
N ASN A 326 -27.46 -19.79 -29.50
CA ASN A 326 -28.57 -20.17 -28.65
C ASN A 326 -28.56 -21.66 -28.31
N SER A 327 -28.19 -22.52 -29.26
CA SER A 327 -28.14 -23.95 -28.98
C SER A 327 -27.03 -24.28 -28.01
N ALA A 328 -25.90 -23.58 -28.12
CA ALA A 328 -24.75 -23.95 -27.32
C ALA A 328 -24.81 -23.37 -25.92
N TYR A 329 -25.38 -22.16 -25.75
CA TYR A 329 -25.27 -21.44 -24.49
C TYR A 329 -26.62 -21.05 -23.92
N GLY A 330 -27.71 -21.62 -24.40
CA GLY A 330 -29.04 -21.13 -24.11
C GLY A 330 -29.33 -19.87 -24.90
N ARG A 331 -30.62 -19.52 -24.95
CA ARG A 331 -31.07 -18.39 -25.75
C ARG A 331 -30.35 -17.13 -25.32
N GLU A 332 -29.65 -16.49 -26.27
CA GLU A 332 -28.81 -15.32 -26.01
C GLU A 332 -27.86 -15.52 -24.81
N GLY A 333 -27.36 -16.75 -24.65
CA GLY A 333 -26.41 -17.02 -23.60
C GLY A 333 -26.98 -17.09 -22.20
N SER A 334 -28.30 -17.25 -22.08
CA SER A 334 -28.95 -17.24 -20.78
C SER A 334 -28.56 -18.44 -19.91
N GLU A 335 -27.99 -19.48 -20.50
CA GLU A 335 -27.58 -20.67 -19.76
C GLU A 335 -26.07 -20.75 -19.63
N TYR A 336 -25.34 -19.68 -19.93
CA TYR A 336 -23.88 -19.72 -19.93
C TYR A 336 -23.32 -20.11 -18.58
N ASN A 337 -23.96 -19.66 -17.49
CA ASN A 337 -23.53 -19.99 -16.14
C ASN A 337 -24.32 -21.15 -15.54
N THR A 338 -25.63 -21.25 -15.84
CA THR A 338 -26.42 -22.30 -15.23
C THR A 338 -26.17 -23.66 -15.87
N LYS A 339 -25.66 -23.70 -17.11
CA LYS A 339 -25.44 -24.97 -17.80
C LYS A 339 -24.00 -25.05 -18.35
N THR A 340 -23.57 -24.06 -19.13
CA THR A 340 -22.29 -24.21 -19.81
C THR A 340 -21.14 -24.36 -18.82
N TRP A 341 -21.06 -23.45 -17.86
CA TRP A 341 -19.98 -23.52 -16.88
C TRP A 341 -20.16 -24.69 -15.93
N LYS A 342 -21.39 -25.10 -15.69
CA LYS A 342 -21.63 -26.30 -14.89
C LYS A 342 -21.08 -27.49 -15.67
N ASP A 343 -21.36 -27.61 -16.97
CA ASP A 343 -20.86 -28.72 -17.75
C ASP A 343 -19.33 -28.69 -17.84
N ILE A 344 -18.74 -27.49 -17.95
CA ILE A 344 -17.29 -27.38 -17.96
C ILE A 344 -16.70 -27.97 -16.68
N GLY A 345 -17.27 -27.60 -15.54
CA GLY A 345 -16.79 -28.07 -14.25
C GLY A 345 -16.99 -29.55 -14.01
N SER A 346 -17.95 -30.17 -14.67
CA SER A 346 -18.21 -31.60 -14.53
C SER A 346 -17.37 -32.45 -15.48
N THR A 347 -16.57 -31.82 -16.33
CA THR A 347 -15.71 -32.58 -17.23
C THR A 347 -14.75 -33.45 -16.43
N ARG A 348 -14.70 -34.74 -16.75
CA ARG A 348 -13.83 -35.68 -16.06
C ARG A 348 -12.42 -35.62 -16.66
N ILE A 349 -11.42 -35.66 -15.78
CA ILE A 349 -10.02 -35.49 -16.14
C ILE A 349 -9.20 -36.48 -15.34
N PRO A 350 -7.99 -36.79 -15.81
CA PRO A 350 -7.12 -37.72 -15.06
C PRO A 350 -6.68 -37.14 -13.73
N LYS A 351 -6.50 -38.05 -12.75
CA LYS A 351 -6.02 -37.74 -11.41
C LYS A 351 -4.93 -38.72 -11.01
N ALA A 352 -3.83 -38.21 -10.46
CA ALA A 352 -2.77 -39.07 -9.96
C ALA A 352 -3.24 -39.87 -8.75
N ASP A 353 -2.69 -41.06 -8.61
CA ASP A 353 -2.99 -41.97 -7.49
C ASP A 353 -2.00 -43.13 -7.51
N PRO A 354 -1.47 -43.54 -6.37
CA PRO A 354 -0.40 -44.55 -6.37
C PRO A 354 -0.86 -45.90 -6.89
N PRO A 355 -2.09 -46.35 -6.57
CA PRO A 355 -2.61 -47.57 -7.22
C PRO A 355 -2.76 -47.52 -8.73
N GLY A 356 -2.61 -46.38 -9.38
CA GLY A 356 -3.03 -46.29 -10.76
C GLY A 356 -3.85 -45.04 -11.00
N GLU A 357 -3.69 -44.45 -12.17
CA GLU A 357 -4.35 -43.19 -12.45
C GLU A 357 -5.85 -43.36 -12.32
N LYS A 358 -6.49 -42.36 -11.71
CA LYS A 358 -7.93 -42.31 -11.54
C LYS A 358 -8.50 -41.13 -12.31
N THR A 359 -9.80 -40.92 -12.19
CA THR A 359 -10.43 -39.78 -12.82
C THR A 359 -11.39 -39.11 -11.86
N ASP A 360 -11.60 -37.81 -12.07
CA ASP A 360 -12.62 -37.06 -11.36
C ASP A 360 -12.90 -35.79 -12.14
N THR A 361 -13.80 -34.97 -11.62
CA THR A 361 -14.22 -33.79 -12.37
C THR A 361 -13.28 -32.63 -12.09
N ILE A 362 -13.26 -31.68 -13.02
CA ILE A 362 -12.52 -30.43 -12.85
C ILE A 362 -12.91 -29.76 -11.54
N ASP A 363 -14.22 -29.72 -11.25
CA ASP A 363 -14.68 -29.02 -10.05
C ASP A 363 -14.27 -29.72 -8.77
N LYS A 364 -14.09 -31.05 -8.79
CA LYS A 364 -13.59 -31.74 -7.61
C LYS A 364 -12.07 -31.59 -7.47
N LEU A 365 -11.36 -31.68 -8.59
CA LEU A 365 -9.91 -31.46 -8.64
C LEU A 365 -9.63 -29.97 -8.88
N SER A 366 -10.14 -29.16 -7.96
CA SER A 366 -10.31 -27.73 -8.16
C SER A 366 -9.06 -26.91 -7.87
N SER A 367 -7.94 -27.26 -8.48
CA SER A 367 -6.73 -26.50 -8.27
C SER A 367 -5.85 -26.54 -9.51
N LEU A 368 -5.10 -25.46 -9.72
CA LEU A 368 -4.19 -25.40 -10.85
C LEU A 368 -3.19 -26.55 -10.92
N PRO A 369 -2.56 -26.96 -9.82
CA PRO A 369 -1.63 -28.10 -9.94
C PRO A 369 -2.30 -29.35 -10.48
N GLN A 370 -3.53 -29.62 -10.10
CA GLN A 370 -4.24 -30.80 -10.60
C GLN A 370 -4.66 -30.61 -12.06
N TRP A 371 -5.06 -29.40 -12.46
CA TRP A 371 -5.42 -29.17 -13.85
C TRP A 371 -4.21 -29.29 -14.77
N GLY A 372 -3.08 -28.71 -14.37
CA GLY A 372 -1.85 -28.88 -15.12
C GLY A 372 -1.43 -30.33 -15.26
N ASP A 373 -1.47 -31.08 -14.15
CA ASP A 373 -1.16 -32.51 -14.19
C ASP A 373 -2.10 -33.21 -15.17
N ALA A 374 -3.39 -32.87 -15.12
CA ALA A 374 -4.34 -33.48 -16.02
C ALA A 374 -3.98 -33.21 -17.47
N ILE A 375 -3.59 -31.96 -17.78
CA ILE A 375 -3.24 -31.62 -19.15
C ILE A 375 -2.06 -32.47 -19.62
N ALA A 376 -1.02 -32.58 -18.80
CA ALA A 376 0.10 -33.40 -19.19
C ALA A 376 -0.33 -34.85 -19.43
N ARG A 377 -1.18 -35.38 -18.56
CA ARG A 377 -1.59 -36.77 -18.65
C ARG A 377 -2.46 -37.00 -19.87
N LEU A 378 -3.33 -36.02 -20.19
CA LEU A 378 -4.18 -36.13 -21.36
C LEU A 378 -3.35 -36.09 -22.64
N LEU A 379 -2.32 -35.23 -22.69
CA LEU A 379 -1.50 -35.18 -23.89
C LEU A 379 -0.64 -36.43 -24.01
N LEU A 380 -0.16 -36.95 -22.88
CA LEU A 380 0.62 -38.18 -22.94
C LEU A 380 -0.24 -39.32 -23.45
N GLN A 381 -1.48 -39.38 -22.99
CA GLN A 381 -2.40 -40.39 -23.49
C GLN A 381 -2.50 -40.35 -25.01
N GLU A 382 -2.61 -39.15 -25.58
CA GLU A 382 -2.76 -39.06 -27.03
C GLU A 382 -1.47 -39.47 -27.73
N ILE A 383 -0.32 -39.18 -27.13
CA ILE A 383 0.95 -39.67 -27.67
C ILE A 383 0.99 -41.20 -27.61
N THR A 384 0.59 -41.76 -26.47
CA THR A 384 0.56 -43.21 -26.28
C THR A 384 -0.53 -43.82 -27.17
N ASN B 28 22.02 -2.18 16.16
CA ASN B 28 21.73 -0.75 15.90
C ASN B 28 21.21 -0.05 17.14
N ALA B 29 21.80 1.08 17.50
CA ALA B 29 21.19 1.93 18.52
C ALA B 29 19.88 2.48 18.00
N PRO B 30 18.95 2.81 18.89
CA PRO B 30 17.69 3.40 18.44
C PRO B 30 17.93 4.71 17.71
N CYS B 31 17.01 5.06 16.82
CA CYS B 31 17.10 6.34 16.15
C CYS B 31 16.90 7.45 17.18
N THR B 32 17.38 8.65 16.83
CA THR B 32 17.43 9.74 17.79
C THR B 32 16.93 11.07 17.25
N THR B 33 16.56 11.16 15.97
CA THR B 33 16.04 12.40 15.39
C THR B 33 14.84 12.05 14.54
N ALA B 34 13.97 13.03 14.32
CA ALA B 34 12.78 12.75 13.52
C ALA B 34 13.17 12.38 12.08
N CYS B 35 14.14 13.08 11.50
CA CYS B 35 14.59 12.77 10.15
C CYS B 35 15.20 11.37 10.08
N GLY B 36 15.97 10.98 11.10
CA GLY B 36 16.60 9.68 11.06
C GLY B 36 15.61 8.55 11.29
N CYS B 37 14.68 8.76 12.21
CA CYS B 37 13.69 7.73 12.49
C CYS B 37 12.81 7.53 11.27
N LYS B 38 12.47 8.61 10.59
CA LYS B 38 11.62 8.50 9.41
C LYS B 38 12.37 7.77 8.32
N SER B 39 13.60 8.19 8.06
CA SER B 39 14.41 7.56 7.02
C SER B 39 14.62 6.09 7.31
N ARG B 40 14.93 5.72 8.56
CA ARG B 40 15.19 4.32 8.86
C ARG B 40 13.94 3.48 8.67
N LEU B 41 12.78 4.01 9.04
CA LEU B 41 11.55 3.25 8.93
C LEU B 41 11.18 3.05 7.48
N LEU B 42 11.40 4.06 6.64
CA LEU B 42 11.13 3.90 5.21
C LEU B 42 12.13 2.95 4.56
N LYS B 43 13.40 3.00 4.95
CA LYS B 43 14.39 2.08 4.40
C LYS B 43 14.05 0.66 4.79
N ARG B 44 13.61 0.44 6.02
CA ARG B 44 13.20 -0.89 6.45
C ARG B 44 11.98 -1.35 5.67
N LEU B 45 11.00 -0.47 5.49
CA LEU B 45 9.84 -0.87 4.69
C LEU B 45 10.28 -1.31 3.29
N ASP B 46 11.21 -0.56 2.68
CA ASP B 46 11.63 -0.87 1.33
C ASP B 46 12.22 -2.27 1.22
N LEU B 47 12.74 -2.83 2.32
CA LEU B 47 13.27 -4.18 2.25
C LEU B 47 12.16 -5.15 1.89
N TYR B 48 10.96 -4.92 2.39
CA TYR B 48 9.82 -5.79 2.23
C TYR B 48 9.08 -5.48 0.95
N THR B 49 8.86 -4.20 0.62
CA THR B 49 8.14 -3.89 -0.61
C THR B 49 8.99 -4.26 -1.81
N SER B 50 10.32 -4.18 -1.70
CA SER B 50 11.16 -4.58 -2.83
C SER B 50 11.06 -6.08 -3.11
N LYS B 51 11.06 -6.89 -2.06
CA LYS B 51 10.95 -8.33 -2.24
C LYS B 51 9.55 -8.69 -2.74
N TYR B 52 8.54 -7.97 -2.26
CA TYR B 52 7.19 -8.21 -2.75
C TYR B 52 7.09 -7.90 -4.23
N ALA B 53 7.71 -6.80 -4.67
CA ALA B 53 7.68 -6.42 -6.07
C ALA B 53 8.42 -7.46 -6.92
N ASP B 54 9.53 -8.02 -6.40
CA ASP B 54 10.21 -9.11 -7.10
C ASP B 54 9.23 -10.27 -7.30
N GLY B 55 8.49 -10.62 -6.25
CA GLY B 55 7.48 -11.65 -6.36
C GLY B 55 6.44 -11.36 -7.40
N ILE B 56 5.96 -10.12 -7.48
CA ILE B 56 4.96 -9.76 -8.46
C ILE B 56 5.52 -9.95 -9.86
N ASN B 57 6.75 -9.49 -10.07
CA ASN B 57 7.40 -9.66 -11.36
C ASN B 57 7.59 -11.14 -11.69
N ASN B 58 7.99 -11.93 -10.69
CA ASN B 58 8.19 -13.36 -10.93
C ASN B 58 6.87 -14.02 -11.28
N GLU B 59 5.76 -13.58 -10.70
CA GLU B 59 4.48 -14.18 -11.03
C GLU B 59 4.10 -13.85 -12.47
N ARG B 60 4.41 -12.64 -12.95
CA ARG B 60 4.12 -12.32 -14.32
C ARG B 60 4.93 -13.19 -15.24
N GLU B 61 6.21 -13.39 -14.92
CA GLU B 61 7.07 -14.22 -15.77
C GLU B 61 6.65 -15.68 -15.69
N ASN B 62 6.25 -16.14 -14.53
CA ASN B 62 5.80 -17.52 -14.38
C ASN B 62 4.47 -17.77 -15.10
N SER B 63 3.56 -16.81 -15.08
CA SER B 63 2.30 -16.98 -15.80
C SER B 63 2.59 -17.09 -17.29
N GLU B 64 3.49 -16.25 -17.81
CA GLU B 64 3.85 -16.33 -19.23
C GLU B 64 4.50 -17.67 -19.53
N ALA B 65 5.39 -18.13 -18.66
CA ALA B 65 6.10 -19.38 -18.94
C ALA B 65 5.12 -20.54 -18.97
N TYR B 66 4.18 -20.60 -18.02
CA TYR B 66 3.22 -21.68 -17.97
C TYR B 66 2.33 -21.68 -19.21
N SER B 67 1.90 -20.50 -19.64
CA SER B 67 1.06 -20.47 -20.83
C SER B 67 1.84 -20.88 -22.06
N LYS B 68 3.11 -20.50 -22.18
CA LYS B 68 3.93 -20.99 -23.26
C LYS B 68 4.05 -22.49 -23.23
N LEU B 69 4.23 -23.08 -22.05
CA LEU B 69 4.39 -24.52 -21.95
C LEU B 69 3.12 -25.24 -22.36
N VAL B 70 1.96 -24.77 -21.94
CA VAL B 70 0.72 -25.43 -22.35
C VAL B 70 0.55 -25.31 -23.87
N THR B 71 0.77 -24.11 -24.42
CA THR B 71 0.56 -23.91 -25.85
C THR B 71 1.52 -24.79 -26.65
N ALA B 72 2.78 -24.80 -26.28
CA ALA B 72 3.76 -25.62 -26.98
C ALA B 72 3.49 -27.10 -26.79
N ALA B 73 3.02 -27.52 -25.64
CA ALA B 73 2.73 -28.93 -25.43
C ALA B 73 1.65 -29.41 -26.37
N LEU B 74 0.70 -28.57 -26.70
CA LEU B 74 -0.37 -28.94 -27.62
C LEU B 74 0.15 -28.91 -29.04
N ALA B 75 1.06 -28.03 -29.38
CA ALA B 75 1.44 -27.81 -30.76
C ALA B 75 2.67 -28.57 -31.23
N ALA B 76 3.56 -28.96 -30.34
CA ALA B 76 4.90 -29.36 -30.73
C ALA B 76 4.92 -30.76 -31.34
N VAL B 77 6.02 -31.06 -32.02
CA VAL B 77 6.33 -32.42 -32.51
C VAL B 77 6.49 -33.36 -31.32
N PRO B 78 6.32 -34.67 -31.49
CA PRO B 78 6.29 -35.54 -30.31
C PRO B 78 7.57 -35.56 -29.50
N THR B 79 8.75 -35.54 -30.15
CA THR B 79 9.99 -35.52 -29.37
C THR B 79 10.06 -34.29 -28.47
N MET B 80 9.56 -33.14 -28.95
CA MET B 80 9.53 -31.95 -28.10
C MET B 80 8.42 -32.06 -27.05
N GLN B 81 7.24 -32.57 -27.44
CA GLN B 81 6.17 -32.71 -26.47
C GLN B 81 6.62 -33.51 -25.26
N ARG B 82 7.37 -34.58 -25.48
CA ARG B 82 7.79 -35.38 -24.34
C ARG B 82 8.74 -34.63 -23.42
N LYS B 83 9.51 -33.68 -23.96
CA LYS B 83 10.36 -32.86 -23.09
C LYS B 83 9.56 -31.81 -22.35
N ILE B 84 8.46 -31.37 -22.96
CA ILE B 84 7.66 -30.33 -22.36
C ILE B 84 6.82 -30.90 -21.22
N LEU B 85 6.31 -32.11 -21.36
CA LEU B 85 5.32 -32.60 -20.41
C LEU B 85 5.80 -32.57 -18.96
N PRO B 86 7.03 -32.98 -18.63
CA PRO B 86 7.47 -32.90 -17.22
C PRO B 86 7.59 -31.47 -16.72
N LEU B 87 7.86 -30.53 -17.62
CA LEU B 87 7.87 -29.13 -17.21
C LEU B 87 6.49 -28.62 -16.88
N LEU B 88 5.48 -29.08 -17.61
CA LEU B 88 4.14 -28.52 -17.47
C LEU B 88 3.59 -28.77 -16.08
N GLY B 89 3.66 -30.00 -15.60
CA GLY B 89 3.10 -30.30 -14.29
C GLY B 89 3.85 -29.60 -13.18
N ALA B 90 5.17 -29.53 -13.29
CA ALA B 90 5.95 -28.81 -12.29
C ALA B 90 5.60 -27.33 -12.33
N ALA B 91 5.51 -26.78 -13.53
CA ALA B 91 5.22 -25.36 -13.71
C ALA B 91 3.89 -24.99 -13.11
N ALA B 92 2.88 -25.84 -13.28
CA ALA B 92 1.56 -25.57 -12.71
C ALA B 92 1.69 -25.47 -11.19
N ASP B 93 2.47 -26.34 -10.57
CA ASP B 93 2.60 -26.33 -9.10
C ASP B 93 3.46 -25.11 -8.67
N ILE B 94 4.54 -24.75 -9.40
CA ILE B 94 5.31 -23.56 -9.10
C ILE B 94 4.46 -22.31 -9.18
N LEU B 95 3.67 -22.20 -10.23
CA LEU B 95 2.84 -21.02 -10.41
C LEU B 95 1.78 -20.92 -9.33
N ASP B 96 1.19 -22.05 -8.93
CA ASP B 96 0.16 -22.04 -7.90
C ASP B 96 0.75 -21.58 -6.58
N ILE B 97 1.90 -22.15 -6.22
CA ILE B 97 2.56 -21.78 -4.97
C ILE B 97 2.90 -20.31 -5.00
N CYS B 98 3.42 -19.82 -6.13
CA CYS B 98 3.80 -18.43 -6.29
C CYS B 98 2.62 -17.51 -6.00
N ARG B 99 1.49 -17.82 -6.64
CA ARG B 99 0.33 -16.98 -6.46
C ARG B 99 -0.21 -17.06 -5.04
N ARG B 100 -0.19 -18.25 -4.42
CA ARG B 100 -0.68 -18.36 -3.04
C ARG B 100 0.23 -17.62 -2.06
N GLU B 101 1.55 -17.65 -2.29
CA GLU B 101 2.47 -16.91 -1.44
C GLU B 101 2.23 -15.41 -1.56
N LEU B 102 2.02 -14.91 -2.77
CA LEU B 102 1.71 -13.50 -2.99
C LEU B 102 0.38 -13.13 -2.34
N ALA B 103 -0.61 -14.02 -2.36
CA ALA B 103 -1.91 -13.69 -1.78
C ALA B 103 -1.80 -13.60 -0.25
N THR B 104 -0.99 -14.48 0.34
CA THR B 104 -0.78 -14.40 1.79
C THR B 104 0.00 -13.14 2.14
N ALA B 105 1.01 -12.79 1.35
CA ALA B 105 1.85 -11.64 1.67
C ALA B 105 1.12 -10.32 1.47
N ARG B 106 0.21 -10.25 0.51
CA ARG B 106 -0.39 -9.01 0.05
C ARG B 106 -1.00 -8.18 1.19
N PRO B 107 -1.93 -8.74 1.98
CA PRO B 107 -2.50 -7.90 3.07
C PRO B 107 -1.48 -7.49 4.11
N LEU B 108 -0.49 -8.34 4.40
CA LEU B 108 0.54 -7.98 5.37
C LEU B 108 1.40 -6.83 4.87
N VAL B 109 1.80 -6.85 3.60
CA VAL B 109 2.57 -5.75 3.04
C VAL B 109 1.72 -4.49 2.99
N GLN B 110 0.44 -4.63 2.61
CA GLN B 110 -0.43 -3.48 2.58
C GLN B 110 -0.55 -2.84 3.96
N ALA B 111 -0.76 -3.66 4.99
CA ALA B 111 -0.85 -3.13 6.36
C ALA B 111 0.45 -2.43 6.77
N ALA B 112 1.61 -3.02 6.44
CA ALA B 112 2.88 -2.42 6.81
C ALA B 112 3.06 -1.06 6.14
N ILE B 113 2.69 -0.97 4.87
CA ILE B 113 2.89 0.27 4.13
C ILE B 113 2.04 1.35 4.77
N SER B 114 0.77 1.02 5.06
CA SER B 114 -0.14 2.01 5.64
C SER B 114 0.35 2.50 6.99
N LYS B 115 0.81 1.57 7.82
CA LYS B 115 1.21 1.94 9.18
C LYS B 115 2.54 2.69 9.19
N ILE B 116 3.48 2.30 8.36
CA ILE B 116 4.79 2.99 8.28
C ILE B 116 4.54 4.40 7.76
N GLU B 117 3.70 4.57 6.74
CA GLU B 117 3.54 5.87 6.12
C GLU B 117 2.81 6.82 7.08
N GLU B 118 1.81 6.31 7.84
CA GLU B 118 1.17 7.14 8.86
C GLU B 118 2.19 7.58 9.92
N ALA B 119 3.03 6.67 10.38
CA ALA B 119 4.07 7.06 11.33
C ALA B 119 5.01 8.11 10.74
N ALA B 120 5.43 7.93 9.48
CA ALA B 120 6.28 8.89 8.81
C ALA B 120 5.66 10.28 8.80
N GLY B 121 4.35 10.37 8.58
CA GLY B 121 3.69 11.66 8.66
C GLY B 121 3.81 12.30 10.04
N VAL B 122 3.64 11.50 11.09
CA VAL B 122 3.87 12.05 12.43
C VAL B 122 5.31 12.53 12.57
N TYR B 123 6.29 11.74 12.11
CA TYR B 123 7.70 12.17 12.19
C TYR B 123 7.95 13.49 11.44
N ASN B 124 7.17 13.79 10.41
CA ASN B 124 7.28 15.08 9.76
C ASN B 124 7.07 16.17 10.78
N THR B 125 6.00 16.02 11.56
CA THR B 125 5.67 17.03 12.55
C THR B 125 6.65 17.03 13.71
N LEU B 126 7.16 15.87 14.11
CA LEU B 126 8.19 15.84 15.12
C LEU B 126 9.42 16.61 14.69
N HIS B 127 9.76 16.56 13.40
CA HIS B 127 10.86 17.37 12.88
C HIS B 127 10.54 18.86 13.00
N LYS B 128 9.31 19.27 12.70
CA LYS B 128 8.97 20.68 12.85
C LYS B 128 8.99 21.14 14.30
N LEU B 129 8.87 20.23 15.25
CA LEU B 129 8.80 20.57 16.66
C LEU B 129 10.11 20.33 17.39
N GLU B 130 11.13 19.82 16.68
CA GLU B 130 12.32 19.31 17.35
C GLU B 130 13.15 20.41 18.00
N ARG B 131 13.01 21.65 17.55
CA ARG B 131 13.74 22.76 18.15
C ARG B 131 12.86 23.59 19.09
N GLY B 132 11.72 23.04 19.51
CA GLY B 132 10.83 23.72 20.38
C GLY B 132 9.85 24.61 19.64
N LEU B 133 9.13 25.41 20.41
CA LEU B 133 8.12 26.29 19.84
C LEU B 133 8.31 27.74 20.28
N GLY B 134 9.56 28.17 20.47
CA GLY B 134 9.82 29.57 20.76
C GLY B 134 9.51 30.00 22.17
N GLU B 135 9.37 31.30 22.32
CA GLU B 135 9.24 31.86 23.64
C GLU B 135 8.57 33.23 23.58
N ALA B 136 8.16 33.69 24.76
CA ALA B 136 7.70 35.06 24.99
C ALA B 136 8.64 35.65 26.01
N LYS B 137 9.43 36.69 25.62
CA LYS B 137 10.40 37.39 26.49
C LYS B 137 9.89 38.81 26.77
N ILE B 138 9.36 39.09 27.97
CA ILE B 138 8.98 40.44 28.38
C ILE B 138 10.20 41.12 28.98
N GLU B 139 10.41 42.36 28.58
CA GLU B 139 11.48 43.20 29.14
C GLU B 139 10.85 44.51 29.57
N PHE B 140 10.62 44.68 30.86
CA PHE B 140 9.79 45.77 31.35
C PHE B 140 10.32 47.19 31.16
N THR B 143 12.38 51.59 33.11
CA THR B 143 11.87 52.71 33.91
C THR B 143 10.71 52.29 34.79
N ASP B 144 9.84 51.40 34.31
CA ASP B 144 8.65 51.02 35.07
C ASP B 144 8.20 49.60 34.70
N LEU B 145 7.20 49.07 35.38
CA LEU B 145 6.60 47.74 35.18
C LEU B 145 5.36 47.79 34.30
N ARG B 146 5.09 48.84 33.51
CA ARG B 146 3.98 48.84 32.57
C ARG B 146 4.31 47.88 31.42
N LEU B 147 3.30 47.49 30.68
CA LEU B 147 3.46 46.39 29.73
C LEU B 147 2.66 46.63 28.46
N THR B 148 3.37 46.59 27.33
CA THR B 148 2.79 46.52 26.00
C THR B 148 3.64 45.53 25.21
N LYS B 149 3.26 45.27 23.97
CA LYS B 149 3.99 44.31 23.16
C LYS B 149 5.44 44.75 22.93
N THR B 150 5.71 46.05 22.89
CA THR B 150 7.06 46.48 22.52
C THR B 150 8.09 45.97 23.53
N LYS B 151 7.67 45.71 24.74
CA LYS B 151 8.56 45.16 25.78
C LYS B 151 8.80 43.67 25.51
N PHE B 152 8.01 43.05 24.65
CA PHE B 152 8.26 41.66 24.25
C PHE B 152 9.42 41.66 23.27
N ARG B 153 10.64 41.52 23.81
CA ARG B 153 11.81 41.40 22.95
C ARG B 153 11.74 40.12 22.13
N ALA B 154 11.08 39.08 22.63
CA ALA B 154 10.90 37.85 21.88
C ALA B 154 9.40 37.53 21.81
N THR B 155 8.92 37.28 20.60
CA THR B 155 7.55 36.85 20.37
C THR B 155 7.54 35.60 19.51
N SER B 156 8.55 34.75 19.65
CA SER B 156 8.70 33.60 18.77
C SER B 156 7.78 32.43 19.10
N LEU B 157 7.01 32.52 20.19
CA LEU B 157 6.16 31.41 20.61
C LEU B 157 5.26 31.02 19.47
N GLY B 158 5.28 29.72 19.11
CA GLY B 158 4.50 29.21 18.02
C GLY B 158 5.25 28.98 16.72
N THR B 159 6.50 29.40 16.63
CA THR B 159 7.28 29.20 15.41
C THR B 159 7.76 27.76 15.34
N ILE B 160 7.44 27.09 14.25
CA ILE B 160 7.92 25.74 14.02
C ILE B 160 9.15 25.79 13.13
N HIS B 161 9.89 24.68 13.11
CA HIS B 161 11.13 24.56 12.35
C HIS B 161 10.78 24.23 10.89
N THR B 162 11.34 24.97 9.95
CA THR B 162 10.93 24.84 8.56
C THR B 162 11.98 24.19 7.68
N ALA B 163 13.21 24.04 8.14
CA ALA B 163 14.28 23.57 7.27
C ALA B 163 14.11 22.10 6.92
N ASP B 164 14.65 21.74 5.76
CA ASP B 164 14.74 20.34 5.37
C ASP B 164 15.67 19.59 6.32
N CYS B 165 15.58 18.26 6.25
CA CYS B 165 16.48 17.42 7.00
C CYS B 165 17.93 17.65 6.54
N PRO B 166 18.89 17.52 7.45
CA PRO B 166 20.30 17.55 7.04
C PRO B 166 20.64 16.36 6.16
N ASN B 167 21.65 16.53 5.33
CA ASN B 167 22.05 15.44 4.43
C ASN B 167 22.67 14.28 5.19
N GLY B 171 22.91 10.06 14.32
CA GLY B 171 22.14 8.96 14.87
C GLY B 171 21.78 7.88 13.86
N GLU B 172 21.97 8.17 12.58
CA GLU B 172 21.73 7.18 11.53
C GLU B 172 23.04 6.73 10.89
N VAL B 175 24.32 2.74 10.65
CA VAL B 175 23.12 1.91 10.77
C VAL B 175 23.05 0.93 9.61
N LYS B 176 22.93 -0.35 9.95
CA LYS B 176 22.84 -1.42 8.96
C LYS B 176 21.38 -1.84 8.84
N ILE B 177 20.90 -1.90 7.60
CA ILE B 177 19.52 -2.23 7.30
C ILE B 177 19.51 -3.43 6.36
N GLY B 178 18.71 -4.43 6.71
CA GLY B 178 18.60 -5.62 5.87
C GLY B 178 17.77 -6.69 6.54
N LEU B 179 17.17 -7.59 5.75
CA LEU B 179 16.25 -8.54 6.36
C LEU B 179 16.94 -9.37 7.42
N GLU B 180 18.23 -9.66 7.24
CA GLU B 180 18.95 -10.44 8.25
C GLU B 180 19.18 -9.68 9.55
N HIS B 181 18.97 -8.35 9.57
CA HIS B 181 19.14 -7.54 10.76
C HIS B 181 17.82 -7.19 11.43
N GLU B 182 16.68 -7.50 10.81
CA GLU B 182 15.40 -7.01 11.29
C GLU B 182 15.05 -7.57 12.67
N GLU B 183 15.42 -8.81 12.96
CA GLU B 183 15.04 -9.39 14.25
C GLU B 183 15.73 -8.67 15.41
N ASN B 184 16.83 -7.99 15.18
CA ASN B 184 17.51 -7.29 16.27
C ASN B 184 17.23 -5.78 16.30
N GLU B 185 16.43 -5.28 15.38
CA GLU B 185 16.22 -3.85 15.26
C GLU B 185 15.35 -3.36 16.42
N PRO B 186 15.77 -2.31 17.15
CA PRO B 186 14.93 -1.82 18.24
C PRO B 186 13.68 -1.13 17.71
N GLU B 187 12.71 -0.99 18.61
CA GLU B 187 11.50 -0.25 18.28
C GLU B 187 11.87 1.19 17.91
N PRO B 188 11.11 1.80 17.00
CA PRO B 188 11.37 3.21 16.64
C PRO B 188 11.17 4.11 17.85
N ALA B 189 12.00 5.14 17.96
CA ALA B 189 11.94 6.05 19.09
C ALA B 189 10.76 6.99 18.99
N LYS B 190 10.21 7.37 20.14
CA LYS B 190 9.08 8.28 20.13
C LYS B 190 9.52 9.74 20.04
N LEU B 191 10.74 10.03 20.52
CA LEU B 191 11.39 11.35 20.42
C LEU B 191 10.78 12.39 21.36
N ILE B 192 9.49 12.66 21.24
CA ILE B 192 8.81 13.65 22.08
C ILE B 192 7.76 12.90 22.88
N THR B 193 7.89 12.97 24.20
CA THR B 193 6.90 12.46 25.10
C THR B 193 6.36 13.56 26.01
N HIS B 194 7.08 14.67 26.19
CA HIS B 194 6.68 15.71 27.14
C HIS B 194 6.96 17.07 26.55
N GLY B 195 6.11 18.02 26.95
CA GLY B 195 6.34 19.44 26.71
C GLY B 195 6.80 20.10 28.00
N HIS B 196 7.68 21.07 27.86
CA HIS B 196 8.33 21.69 29.01
C HIS B 196 8.05 23.18 28.98
N LEU B 197 7.64 23.73 30.14
CA LEU B 197 7.60 25.17 30.37
C LEU B 197 8.99 25.57 30.83
N ASP B 198 9.70 26.28 29.98
CA ASP B 198 10.99 26.86 30.33
C ASP B 198 10.76 28.28 30.83
N ALA B 199 11.35 28.61 31.97
CA ALA B 199 11.21 29.93 32.57
C ALA B 199 12.58 30.54 32.85
N THR B 200 12.65 31.85 32.65
CA THR B 200 13.80 32.63 33.06
C THR B 200 13.27 33.95 33.62
N CYS B 201 13.81 34.38 34.76
CA CYS B 201 13.45 35.65 35.38
C CYS B 201 14.74 36.25 35.91
N ALA B 202 15.14 37.36 35.33
CA ALA B 202 16.37 38.03 35.71
C ALA B 202 16.06 39.49 36.05
N SER B 203 16.27 39.87 37.32
CA SER B 203 15.90 41.17 37.83
C SER B 203 17.13 41.97 38.20
N GLY B 204 16.93 43.28 38.33
CA GLY B 204 18.01 44.18 38.66
C GLY B 204 18.73 44.70 37.43
N VAL B 205 19.44 45.81 37.62
CA VAL B 205 20.22 46.40 36.54
C VAL B 205 21.21 45.37 36.02
N GLY B 206 21.32 45.26 34.70
CA GLY B 206 22.13 44.24 34.10
C GLY B 206 21.53 42.85 34.16
N GLN B 207 20.33 42.71 34.72
CA GLN B 207 19.64 41.41 34.82
C GLN B 207 20.53 40.37 35.47
N SER B 208 21.06 40.73 36.64
CA SER B 208 22.11 39.95 37.29
C SER B 208 21.61 39.03 38.39
N SER B 209 20.39 39.23 38.88
CA SER B 209 19.96 38.55 40.08
C SER B 209 18.71 37.71 39.83
N SER B 210 18.39 36.90 40.82
CA SER B 210 17.24 36.02 40.78
C SER B 210 16.00 36.71 41.33
N CYS B 211 14.85 36.39 40.75
CA CYS B 211 13.56 36.92 41.13
C CYS B 211 13.01 36.32 42.42
N HIS B 212 13.65 35.29 42.98
CA HIS B 212 13.15 34.78 44.25
C HIS B 212 13.56 35.67 45.41
N THR B 213 14.61 36.47 45.25
CA THR B 213 15.07 37.40 46.27
C THR B 213 15.02 38.84 45.82
N THR B 214 14.91 39.11 44.53
CA THR B 214 14.73 40.47 44.01
C THR B 214 13.45 40.50 43.18
N ALA B 215 12.40 41.11 43.72
CA ALA B 215 11.10 41.12 43.07
C ALA B 215 11.21 41.69 41.67
N VAL B 216 10.35 41.18 40.77
CA VAL B 216 10.26 41.68 39.40
C VAL B 216 10.22 43.20 39.41
N GLU B 217 11.22 43.82 38.80
CA GLU B 217 11.34 45.28 38.78
C GLU B 217 11.53 45.75 37.34
N ALA B 218 11.95 47.01 37.17
CA ALA B 218 11.90 47.64 35.86
C ALA B 218 13.01 47.16 34.94
N ASN B 219 14.14 46.70 35.46
CA ASN B 219 15.19 46.16 34.62
C ASN B 219 14.96 44.69 34.30
N THR B 220 13.84 44.12 34.75
CA THR B 220 13.66 42.66 34.75
C THR B 220 13.30 42.11 33.38
N HIS B 221 13.93 41.00 33.03
CA HIS B 221 13.55 40.21 31.84
C HIS B 221 12.85 38.94 32.31
N LEU B 222 11.66 38.68 31.77
CA LEU B 222 10.87 37.49 32.10
C LEU B 222 10.60 36.74 30.81
N THR B 223 11.10 35.50 30.73
CA THR B 223 11.08 34.68 29.51
C THR B 223 10.36 33.36 29.77
N LEU B 224 9.28 33.11 29.02
CA LEU B 224 8.52 31.87 29.12
C LEU B 224 8.53 31.20 27.76
N GLY B 225 8.97 29.95 27.70
CA GLY B 225 9.10 29.25 26.43
C GLY B 225 8.63 27.82 26.54
N LEU B 226 8.53 27.19 25.36
CA LEU B 226 8.03 25.83 25.26
C LEU B 226 9.00 25.01 24.43
N THR B 227 9.49 23.92 25.02
CA THR B 227 10.32 22.94 24.35
C THR B 227 9.72 21.58 24.63
N PHE B 228 10.30 20.59 23.95
CA PHE B 228 9.83 19.22 24.04
C PHE B 228 11.04 18.32 24.19
N SER B 229 10.85 17.17 24.83
CA SER B 229 11.90 16.17 24.84
C SER B 229 11.26 14.81 25.08
N GLY B 230 12.11 13.81 25.29
CA GLY B 230 11.70 12.44 25.52
C GLY B 230 11.67 12.03 26.96
N SER B 231 11.75 12.96 27.90
CA SER B 231 11.72 12.64 29.32
C SER B 231 10.98 13.77 30.04
N SER B 232 10.29 13.42 31.11
CA SER B 232 9.70 14.45 31.95
C SER B 232 10.77 15.21 32.74
N LYS B 233 10.52 16.51 32.93
CA LYS B 233 11.45 17.37 33.65
C LYS B 233 10.73 18.23 34.67
N ASP B 234 11.33 18.37 35.85
CA ASP B 234 10.87 19.38 36.80
C ASP B 234 12.11 19.93 37.51
N GLU B 235 12.62 21.05 37.03
CA GLU B 235 13.85 21.66 37.54
C GLU B 235 13.58 22.80 38.51
N SER B 236 12.38 22.83 39.07
CA SER B 236 11.95 24.01 39.80
C SER B 236 12.73 24.16 41.09
N ALA B 237 13.22 23.07 41.69
CA ALA B 237 13.94 23.22 42.96
C ALA B 237 15.20 24.08 42.78
N THR B 238 15.99 23.81 41.73
CA THR B 238 17.16 24.66 41.45
C THR B 238 16.71 26.04 40.98
N TRP B 239 15.68 26.08 40.14
CA TRP B 239 15.23 27.35 39.57
C TRP B 239 14.73 28.28 40.64
N ASN B 240 13.99 27.75 41.64
CA ASN B 240 13.41 28.57 42.69
C ASN B 240 14.47 29.32 43.53
N ALA B 241 15.73 28.92 43.44
CA ALA B 241 16.83 29.59 44.15
C ALA B 241 17.76 30.33 43.19
N ALA B 242 17.44 30.35 41.90
CA ALA B 242 18.23 31.09 40.92
C ALA B 242 17.44 31.19 39.62
N THR B 243 16.43 32.05 39.60
CA THR B 243 15.51 32.08 38.46
C THR B 243 16.16 32.64 37.21
N ASN B 244 17.32 33.28 37.32
CA ASN B 244 18.00 33.86 36.18
C ASN B 244 18.69 32.84 35.31
N ASN B 245 18.46 31.56 35.56
CA ASN B 245 18.94 30.49 34.71
C ASN B 245 17.71 29.85 34.06
N LYS B 246 17.76 29.62 32.75
CA LYS B 246 16.62 29.04 32.08
C LYS B 246 16.48 27.59 32.52
N ARG B 247 15.32 27.21 33.05
CA ARG B 247 15.08 25.84 33.47
C ARG B 247 13.67 25.42 33.11
N ALA B 248 13.48 24.13 32.91
CA ALA B 248 12.16 23.56 32.69
C ALA B 248 11.50 23.36 34.03
N ILE B 249 10.59 24.26 34.39
CA ILE B 249 9.99 24.25 35.72
C ILE B 249 8.72 23.42 35.79
N HIS B 250 8.22 22.91 34.66
CA HIS B 250 7.05 22.05 34.66
C HIS B 250 7.07 21.26 33.35
N SER B 251 6.51 20.06 33.39
CA SER B 251 6.32 19.27 32.16
C SER B 251 4.89 18.79 32.07
N ASN B 252 4.44 18.58 30.82
CA ASN B 252 3.13 18.00 30.54
C ASN B 252 3.28 16.96 29.43
N ASP B 253 2.29 16.08 29.36
CA ASP B 253 2.26 15.02 28.36
C ASP B 253 2.13 15.58 26.94
N ALA B 254 2.98 15.11 26.04
CA ALA B 254 2.96 15.51 24.64
C ALA B 254 3.32 14.29 23.80
N ASP B 255 2.53 13.21 23.93
CA ASP B 255 2.78 11.93 23.25
C ASP B 255 2.19 11.98 21.84
N PHE B 256 2.93 12.61 20.93
CA PHE B 256 2.44 12.76 19.56
C PHE B 256 2.26 11.43 18.85
N LEU B 257 3.26 10.55 18.93
CA LEU B 257 3.20 9.33 18.13
C LEU B 257 2.24 8.30 18.72
N GLY B 258 2.06 8.28 20.02
CA GLY B 258 1.30 7.21 20.65
C GLY B 258 1.97 5.91 20.27
N SER B 259 1.19 4.91 19.84
CA SER B 259 1.75 3.64 19.41
C SER B 259 1.99 3.58 17.92
N ASN B 260 1.83 4.68 17.20
CA ASN B 260 1.86 4.63 15.74
C ASN B 260 3.14 3.98 15.23
N ALA B 261 4.30 4.35 15.76
CA ALA B 261 5.55 3.81 15.20
C ALA B 261 5.82 2.40 15.66
N THR B 262 5.40 2.03 16.86
CA THR B 262 5.54 0.65 17.30
C THR B 262 4.61 -0.26 16.54
N VAL B 263 3.40 0.20 16.22
CA VAL B 263 2.47 -0.58 15.41
C VAL B 263 3.06 -0.82 14.01
N ALA B 264 3.76 0.16 13.46
CA ALA B 264 4.41 -0.01 12.16
C ALA B 264 5.53 -1.03 12.26
N HIS B 265 6.38 -0.91 13.29
CA HIS B 265 7.42 -1.90 13.57
C HIS B 265 6.83 -3.31 13.67
N GLU B 266 5.71 -3.46 14.38
CA GLU B 266 5.09 -4.76 14.54
C GLU B 266 4.48 -5.26 13.24
N ALA B 267 4.08 -4.36 12.34
CA ALA B 267 3.57 -4.81 11.04
C ALA B 267 4.68 -5.40 10.18
N LEU B 268 5.90 -4.86 10.29
CA LEU B 268 7.02 -5.48 9.59
C LEU B 268 7.31 -6.85 10.16
N LYS B 269 7.32 -6.98 11.50
CA LYS B 269 7.50 -8.29 12.09
C LYS B 269 6.41 -9.28 11.63
N ALA B 270 5.17 -8.83 11.48
CA ALA B 270 4.10 -9.72 11.04
C ALA B 270 4.43 -10.39 9.72
N ILE B 271 5.10 -9.69 8.83
CA ILE B 271 5.49 -10.25 7.51
C ILE B 271 6.48 -11.36 7.78
N ARG B 272 7.45 -11.12 8.64
CA ARG B 272 8.43 -12.14 8.95
C ARG B 272 7.81 -13.32 9.69
N SER B 273 6.89 -13.05 10.62
CA SER B 273 6.27 -14.12 11.38
C SER B 273 5.47 -15.07 10.49
N ALA B 274 4.88 -14.55 9.43
CA ALA B 274 4.13 -15.34 8.46
C ALA B 274 5.05 -16.05 7.47
N GLY B 275 6.35 -15.89 7.58
CA GLY B 275 7.26 -16.43 6.57
C GLY B 275 7.00 -15.86 5.20
N ALA B 276 6.53 -14.62 5.12
CA ALA B 276 6.03 -14.03 3.89
C ALA B 276 6.93 -12.96 3.31
N SER B 277 8.19 -12.89 3.73
CA SER B 277 9.05 -11.79 3.31
C SER B 277 9.55 -11.90 1.88
N THR B 278 9.62 -13.10 1.30
CA THR B 278 10.14 -13.33 -0.06
C THR B 278 9.15 -14.19 -0.84
N PRO B 279 7.97 -13.68 -1.14
CA PRO B 279 6.98 -14.52 -1.81
C PRO B 279 7.33 -14.68 -3.29
N CYS B 280 6.91 -15.83 -3.85
CA CYS B 280 7.11 -16.15 -5.28
C CYS B 280 8.55 -15.90 -5.71
N SER B 281 9.49 -16.48 -4.96
CA SER B 281 10.88 -16.37 -5.33
C SER B 281 11.30 -17.40 -6.38
N SER B 282 10.47 -18.39 -6.68
CA SER B 282 10.83 -19.45 -7.62
C SER B 282 10.36 -19.13 -9.03
N LEU B 283 11.22 -19.44 -9.99
CA LEU B 283 10.93 -19.20 -11.40
C LEU B 283 10.91 -20.50 -12.18
N ILE B 284 9.88 -20.65 -13.02
CA ILE B 284 9.77 -21.78 -13.90
C ILE B 284 10.97 -21.88 -14.81
N THR B 285 11.54 -20.74 -15.21
CA THR B 285 12.72 -20.73 -16.08
C THR B 285 13.99 -21.13 -15.36
N ASP B 286 13.95 -21.36 -14.05
CA ASP B 286 15.11 -21.82 -13.29
C ASP B 286 15.03 -23.34 -13.17
N PHE B 287 15.92 -24.05 -13.87
CA PHE B 287 15.82 -25.50 -13.85
C PHE B 287 15.90 -26.06 -12.42
N ASN B 288 16.67 -25.41 -11.54
CA ASN B 288 16.75 -25.91 -10.17
C ASN B 288 15.39 -25.88 -9.50
N ALA B 289 14.57 -24.87 -9.79
CA ALA B 289 13.23 -24.83 -9.23
C ALA B 289 12.36 -25.95 -9.80
N VAL B 290 12.50 -26.23 -11.10
CA VAL B 290 11.72 -27.28 -11.74
C VAL B 290 12.12 -28.64 -11.20
N ARG B 291 13.43 -28.91 -11.18
CA ARG B 291 13.92 -30.23 -10.79
C ARG B 291 13.52 -30.54 -9.36
N ALA B 292 13.43 -29.52 -8.52
CA ALA B 292 13.07 -29.70 -7.12
C ALA B 292 11.57 -29.74 -6.89
N ASN B 293 10.76 -29.42 -7.87
CA ASN B 293 9.33 -29.50 -7.67
C ASN B 293 8.90 -30.97 -7.57
N PRO B 294 8.04 -31.32 -6.60
CA PRO B 294 7.68 -32.74 -6.42
C PRO B 294 7.00 -33.37 -7.63
N LYS B 295 6.47 -32.58 -8.58
CA LYS B 295 5.80 -33.17 -9.74
C LYS B 295 6.76 -33.65 -10.82
N PHE B 296 8.01 -33.18 -10.84
CA PHE B 296 8.86 -33.30 -12.03
C PHE B 296 9.30 -34.74 -12.29
N LYS B 297 9.83 -35.44 -11.30
CA LYS B 297 10.47 -36.73 -11.58
C LYS B 297 9.48 -37.76 -12.11
N LEU B 298 8.28 -37.84 -11.53
CA LEU B 298 7.31 -38.81 -12.00
C LEU B 298 6.97 -38.57 -13.46
N MET B 299 6.83 -37.31 -13.87
CA MET B 299 6.49 -37.07 -15.27
C MET B 299 7.65 -37.38 -16.20
N VAL B 300 8.89 -37.21 -15.75
CA VAL B 300 10.02 -37.70 -16.55
C VAL B 300 9.89 -39.19 -16.80
N ILE B 301 9.60 -39.96 -15.75
CA ILE B 301 9.42 -41.39 -15.91
C ILE B 301 8.30 -41.67 -16.92
N LYS B 302 7.17 -41.00 -16.75
CA LYS B 302 6.01 -41.29 -17.60
C LYS B 302 6.26 -40.88 -19.04
N ALA B 303 6.84 -39.70 -19.26
CA ALA B 303 6.97 -39.15 -20.60
C ALA B 303 8.29 -39.46 -21.29
N LEU B 304 9.39 -39.61 -20.53
CA LEU B 304 10.69 -39.76 -21.14
C LEU B 304 11.31 -41.15 -20.97
N LEU B 305 10.76 -41.99 -20.09
CA LEU B 305 11.26 -43.35 -19.89
C LEU B 305 10.29 -44.41 -20.41
N ASN B 306 9.27 -44.02 -21.17
CA ASN B 306 8.36 -44.96 -21.82
C ASN B 306 7.61 -45.83 -20.80
N LYS B 307 7.23 -45.22 -19.67
CA LYS B 307 6.45 -45.89 -18.63
C LYS B 307 5.23 -45.02 -18.30
N PRO B 308 4.27 -44.92 -19.23
CA PRO B 308 3.20 -43.93 -19.04
C PRO B 308 2.26 -44.23 -17.89
N THR B 309 2.17 -45.48 -17.45
CA THR B 309 1.28 -45.85 -16.35
C THR B 309 1.93 -45.70 -14.99
N ALA B 310 3.20 -45.30 -14.94
CA ALA B 310 3.89 -45.14 -13.67
C ALA B 310 3.19 -44.08 -12.82
N GLU B 311 3.11 -44.35 -11.51
CA GLU B 311 2.62 -43.37 -10.56
C GLU B 311 3.53 -43.18 -9.36
N LYS B 312 4.69 -43.83 -9.33
CA LYS B 312 5.63 -43.73 -8.23
C LYS B 312 7.04 -43.50 -8.75
N GLU B 313 7.83 -42.72 -8.00
CA GLU B 313 9.22 -42.51 -8.38
C GLU B 313 10.03 -43.81 -8.33
N SER B 314 9.55 -44.82 -7.60
CA SER B 314 10.25 -46.09 -7.53
C SER B 314 9.98 -46.95 -8.75
N ASP B 315 9.21 -46.45 -9.73
CA ASP B 315 8.97 -47.22 -10.95
C ASP B 315 10.16 -47.21 -11.88
N ALA B 316 11.16 -46.39 -11.65
CA ALA B 316 12.37 -46.37 -12.47
C ALA B 316 13.58 -46.15 -11.59
N PRO B 317 14.72 -46.73 -11.95
CA PRO B 317 15.96 -46.44 -11.22
C PRO B 317 16.33 -44.98 -11.34
N ALA B 318 16.90 -44.45 -10.27
CA ALA B 318 17.29 -43.05 -10.26
C ALA B 318 18.26 -42.72 -11.39
N ASP B 319 19.14 -43.67 -11.74
CA ASP B 319 20.14 -43.39 -12.76
C ASP B 319 19.49 -43.21 -14.12
N GLU B 320 18.43 -43.97 -14.40
CA GLU B 320 17.73 -43.83 -15.68
C GLU B 320 17.02 -42.49 -15.74
N VAL B 321 16.41 -42.06 -14.62
CA VAL B 321 15.77 -40.74 -14.57
C VAL B 321 16.79 -39.66 -14.85
N ASN B 322 17.95 -39.76 -14.21
CA ASN B 322 18.99 -38.77 -14.43
C ASN B 322 19.45 -38.74 -15.87
N ASN B 323 19.62 -39.93 -16.47
CA ASN B 323 20.02 -39.98 -17.86
C ASN B 323 18.97 -39.34 -18.76
N ALA B 324 17.68 -39.57 -18.47
CA ALA B 324 16.63 -38.97 -19.28
C ALA B 324 16.59 -37.45 -19.13
N ILE B 325 16.81 -36.97 -17.90
CA ILE B 325 16.90 -35.53 -17.67
C ILE B 325 18.06 -34.95 -18.46
N ASN B 326 19.22 -35.61 -18.41
CA ASN B 326 20.38 -35.07 -19.11
C ASN B 326 20.17 -35.04 -20.61
N SER B 327 19.51 -36.05 -21.16
CA SER B 327 19.28 -36.09 -22.60
C SER B 327 18.27 -35.03 -23.03
N ALA B 328 17.28 -34.76 -22.18
CA ALA B 328 16.22 -33.85 -22.56
C ALA B 328 16.57 -32.38 -22.37
N TYR B 329 17.36 -32.05 -21.34
CA TYR B 329 17.57 -30.67 -20.90
C TYR B 329 19.06 -30.30 -20.84
N GLY B 330 19.94 -31.12 -21.38
CA GLY B 330 21.35 -30.98 -21.13
C GLY B 330 21.74 -31.57 -19.78
N ARG B 331 23.03 -31.88 -19.67
CA ARG B 331 23.55 -32.45 -18.43
C ARG B 331 23.18 -31.55 -17.26
N GLU B 332 22.56 -32.14 -16.24
CA GLU B 332 22.08 -31.39 -15.08
C GLU B 332 21.23 -30.19 -15.45
N GLY B 333 20.52 -30.27 -16.57
CA GLY B 333 19.67 -29.17 -16.99
C GLY B 333 20.43 -27.99 -17.55
N SER B 334 21.69 -28.18 -17.92
CA SER B 334 22.53 -27.07 -18.33
C SER B 334 22.10 -26.43 -19.64
N GLU B 335 21.22 -27.07 -20.42
CA GLU B 335 20.74 -26.52 -21.70
C GLU B 335 19.28 -26.10 -21.60
N TYR B 336 18.77 -25.94 -20.38
CA TYR B 336 17.35 -25.67 -20.21
C TYR B 336 16.96 -24.32 -20.81
N ASN B 337 17.81 -23.31 -20.64
CA ASN B 337 17.52 -21.99 -21.21
C ASN B 337 18.15 -21.80 -22.58
N THR B 338 19.37 -22.27 -22.76
CA THR B 338 20.06 -22.06 -24.03
C THR B 338 19.42 -22.88 -25.15
N LYS B 339 18.84 -24.03 -24.83
CA LYS B 339 18.23 -24.92 -25.83
C LYS B 339 16.75 -25.15 -25.58
N THR B 340 16.36 -25.72 -24.44
CA THR B 340 14.98 -26.19 -24.28
C THR B 340 13.99 -25.03 -24.48
N TRP B 341 14.23 -23.91 -23.82
CA TRP B 341 13.26 -22.81 -23.93
C TRP B 341 13.31 -22.14 -25.30
N LYS B 342 14.48 -22.15 -25.96
CA LYS B 342 14.53 -21.70 -27.34
C LYS B 342 13.71 -22.61 -28.24
N ASP B 343 13.80 -23.93 -28.03
CA ASP B 343 13.02 -24.85 -28.85
C ASP B 343 11.53 -24.73 -28.57
N ILE B 344 11.16 -24.51 -27.31
CA ILE B 344 9.76 -24.26 -26.98
C ILE B 344 9.27 -23.01 -27.70
N GLY B 345 10.06 -21.94 -27.65
CA GLY B 345 9.66 -20.70 -28.28
C GLY B 345 9.54 -20.81 -29.79
N SER B 346 10.29 -21.74 -30.40
CA SER B 346 10.30 -21.93 -31.84
C SER B 346 9.11 -22.75 -32.34
N THR B 347 8.28 -23.26 -31.43
CA THR B 347 7.16 -24.11 -31.83
C THR B 347 6.19 -23.31 -32.68
N ARG B 348 5.79 -23.90 -33.79
CA ARG B 348 4.91 -23.25 -34.75
C ARG B 348 3.46 -23.49 -34.34
N ILE B 349 2.65 -22.44 -34.38
CA ILE B 349 1.27 -22.50 -33.91
C ILE B 349 0.39 -21.76 -34.91
N PRO B 350 -0.91 -22.06 -34.93
CA PRO B 350 -1.82 -21.34 -35.83
C PRO B 350 -1.86 -19.86 -35.51
N LYS B 351 -2.08 -19.05 -36.56
CA LYS B 351 -2.19 -17.60 -36.52
C LYS B 351 -3.41 -17.17 -37.33
N ALA B 352 -4.27 -16.34 -36.74
CA ALA B 352 -5.46 -15.90 -37.45
C ALA B 352 -5.07 -14.93 -38.56
N ASP B 353 -5.76 -15.03 -39.70
CA ASP B 353 -5.50 -14.13 -40.81
C ASP B 353 -6.70 -14.11 -41.73
N PRO B 354 -7.15 -12.95 -42.18
CA PRO B 354 -8.39 -12.91 -42.95
C PRO B 354 -8.32 -13.74 -44.23
N PRO B 355 -7.17 -13.74 -44.97
CA PRO B 355 -7.08 -14.68 -46.10
C PRO B 355 -6.92 -16.16 -45.78
N GLY B 356 -7.12 -16.56 -44.53
CA GLY B 356 -6.93 -17.95 -44.18
C GLY B 356 -5.85 -18.16 -43.15
N GLU B 357 -6.00 -19.20 -42.33
CA GLU B 357 -5.12 -19.41 -41.19
C GLU B 357 -3.69 -19.61 -41.64
N LYS B 358 -2.79 -18.91 -40.96
CA LYS B 358 -1.35 -18.99 -41.17
C LYS B 358 -0.74 -19.64 -39.94
N THR B 359 0.59 -19.75 -39.93
CA THR B 359 1.32 -20.27 -38.78
C THR B 359 2.52 -19.37 -38.48
N ASP B 360 2.95 -19.36 -37.23
CA ASP B 360 4.16 -18.66 -36.83
C ASP B 360 4.60 -19.21 -35.47
N THR B 361 5.75 -18.76 -34.99
CA THR B 361 6.28 -19.32 -33.76
C THR B 361 5.65 -18.68 -32.53
N ILE B 362 5.72 -19.42 -31.41
CA ILE B 362 5.26 -18.91 -30.13
C ILE B 362 5.96 -17.58 -29.83
N ASP B 363 7.28 -17.52 -30.08
CA ASP B 363 8.03 -16.33 -29.71
C ASP B 363 7.72 -15.16 -30.64
N LYS B 364 7.32 -15.44 -31.89
CA LYS B 364 6.83 -14.36 -32.74
C LYS B 364 5.42 -13.94 -32.34
N LEU B 365 4.57 -14.90 -31.99
CA LEU B 365 3.22 -14.63 -31.50
C LEU B 365 3.27 -14.67 -29.97
N SER B 366 4.01 -13.70 -29.43
CA SER B 366 4.43 -13.72 -28.03
C SER B 366 3.43 -12.99 -27.13
N SER B 367 2.18 -13.45 -27.17
CA SER B 367 1.17 -12.89 -26.27
C SER B 367 0.14 -13.94 -25.93
N LEU B 368 -0.32 -13.97 -24.69
CA LEU B 368 -1.36 -14.88 -24.19
C LEU B 368 -2.57 -14.83 -25.14
N PRO B 369 -3.12 -13.67 -25.58
CA PRO B 369 -4.24 -13.68 -26.52
C PRO B 369 -3.99 -14.58 -27.76
N GLN B 370 -2.86 -14.43 -28.41
CA GLN B 370 -2.61 -15.25 -29.58
C GLN B 370 -2.42 -16.72 -29.22
N TRP B 371 -1.80 -16.99 -28.10
CA TRP B 371 -1.62 -18.39 -27.67
C TRP B 371 -2.98 -18.99 -27.43
N GLY B 372 -3.96 -18.31 -26.75
CA GLY B 372 -5.25 -18.92 -26.49
C GLY B 372 -6.01 -19.19 -27.77
N ASP B 373 -5.95 -18.26 -28.72
CA ASP B 373 -6.56 -18.46 -30.01
C ASP B 373 -5.93 -19.66 -30.69
N ALA B 374 -4.61 -19.77 -30.63
CA ALA B 374 -3.93 -20.91 -31.23
C ALA B 374 -4.41 -22.22 -30.61
N ILE B 375 -4.59 -22.26 -29.28
CA ILE B 375 -5.04 -23.49 -28.64
C ILE B 375 -6.40 -23.90 -29.17
N ALA B 376 -7.32 -22.96 -29.32
CA ALA B 376 -8.63 -23.30 -29.87
C ALA B 376 -8.49 -23.86 -31.28
N ARG B 377 -7.65 -23.23 -32.08
CA ARG B 377 -7.48 -23.65 -33.47
C ARG B 377 -6.83 -25.02 -33.55
N LEU B 378 -5.85 -25.28 -32.68
CA LEU B 378 -5.20 -26.60 -32.66
C LEU B 378 -6.19 -27.69 -32.28
N LEU B 379 -7.05 -27.43 -31.28
CA LEU B 379 -8.00 -28.45 -30.87
C LEU B 379 -9.04 -28.68 -31.95
N LEU B 380 -9.48 -27.62 -32.62
CA LEU B 380 -10.40 -27.77 -33.73
C LEU B 380 -9.78 -28.59 -34.84
N GLN B 381 -8.50 -28.35 -35.15
CA GLN B 381 -7.85 -29.14 -36.20
C GLN B 381 -7.88 -30.62 -35.85
N GLU B 382 -7.66 -30.96 -34.58
CA GLU B 382 -7.70 -32.35 -34.15
C GLU B 382 -9.10 -32.93 -34.32
N ILE B 383 -10.15 -32.17 -33.94
CA ILE B 383 -11.53 -32.62 -34.13
C ILE B 383 -11.82 -32.79 -35.62
N THR B 384 -11.43 -31.80 -36.42
CA THR B 384 -11.63 -31.88 -37.86
C THR B 384 -10.83 -33.05 -38.45
#